data_1EKD
# 
_entry.id   1EKD 
# 
_audit_conform.dict_name       mmcif_pdbx.dic 
_audit_conform.dict_version    5.392 
_audit_conform.dict_location   http://mmcif.pdb.org/dictionaries/ascii/mmcif_pdbx.dic 
# 
loop_
_database_2.database_id 
_database_2.database_code 
_database_2.pdbx_database_accession 
_database_2.pdbx_DOI 
PDB   1EKD         pdb_00001ekd 10.2210/pdb1ekd/pdb 
RCSB  RCSB010670   ?            ?                   
WWPDB D_1000010670 ?            ?                   
# 
loop_
_pdbx_audit_revision_history.ordinal 
_pdbx_audit_revision_history.data_content_type 
_pdbx_audit_revision_history.major_revision 
_pdbx_audit_revision_history.minor_revision 
_pdbx_audit_revision_history.revision_date 
1 'Structure model' 1 0 2000-11-13 
2 'Structure model' 1 1 2008-04-27 
3 'Structure model' 1 2 2011-07-13 
4 'Structure model' 1 3 2022-02-16 
5 'Structure model' 1 4 2024-05-22 
# 
_pdbx_audit_revision_details.ordinal             1 
_pdbx_audit_revision_details.revision_ordinal    1 
_pdbx_audit_revision_details.data_content_type   'Structure model' 
_pdbx_audit_revision_details.provider            repository 
_pdbx_audit_revision_details.type                'Initial release' 
_pdbx_audit_revision_details.description         ? 
_pdbx_audit_revision_details.details             ? 
# 
loop_
_pdbx_audit_revision_group.ordinal 
_pdbx_audit_revision_group.revision_ordinal 
_pdbx_audit_revision_group.data_content_type 
_pdbx_audit_revision_group.group 
1 2 'Structure model' 'Version format compliance' 
2 3 'Structure model' 'Version format compliance' 
3 4 'Structure model' 'Database references'       
4 4 'Structure model' 'Derived calculations'      
5 5 'Structure model' 'Data collection'           
# 
loop_
_pdbx_audit_revision_category.ordinal 
_pdbx_audit_revision_category.revision_ordinal 
_pdbx_audit_revision_category.data_content_type 
_pdbx_audit_revision_category.category 
1 4 'Structure model' database_2            
2 4 'Structure model' pdbx_struct_assembly  
3 4 'Structure model' pdbx_struct_oper_list 
4 5 'Structure model' chem_comp_atom        
5 5 'Structure model' chem_comp_bond        
# 
loop_
_pdbx_audit_revision_item.ordinal 
_pdbx_audit_revision_item.revision_ordinal 
_pdbx_audit_revision_item.data_content_type 
_pdbx_audit_revision_item.item 
1 4 'Structure model' '_database_2.pdbx_DOI'                
2 4 'Structure model' '_database_2.pdbx_database_accession' 
# 
_pdbx_database_status.status_code                     REL 
_pdbx_database_status.entry_id                        1EKD 
_pdbx_database_status.recvd_initial_deposition_date   2000-03-07 
_pdbx_database_status.deposit_site                    RCSB 
_pdbx_database_status.process_site                    RCSB 
_pdbx_database_status.status_code_mr                  REL 
_pdbx_database_status.SG_entry                        . 
_pdbx_database_status.pdb_format_compatible           Y 
_pdbx_database_status.status_code_sf                  ? 
_pdbx_database_status.status_code_cs                  ? 
_pdbx_database_status.status_code_nmr_data            ? 
_pdbx_database_status.methods_development_category    ? 
# 
loop_
_audit_author.name 
_audit_author.pdbx_ordinal 
'Chen, X.'       1 
'McDowell, J.A.' 2 
'Kierzek, R.'    3 
'Krugh, T.R.'    4 
'Turner, D.H.'   5 
# 
_citation.id                        primary 
_citation.title                     
;Nuclear magnetic resonance spectroscopy and molecular modeling reveal that different hydrogen bonding patterns are possible for G.U pairs: one hydrogen bond for each G.U pair in r(GGCGUGCC)(2) and two for each G.U pair in r(GAGUGCUC)(2).
;
_citation.journal_abbrev            Biochemistry 
_citation.journal_volume            39 
_citation.page_first                8970 
_citation.page_last                 8982 
_citation.year                      2000 
_citation.journal_id_ASTM           BICHAW 
_citation.country                   US 
_citation.journal_id_ISSN           0006-2960 
_citation.journal_id_CSD            0033 
_citation.book_publisher            ? 
_citation.pdbx_database_id_PubMed   10913310 
_citation.pdbx_database_id_DOI      10.1021/bi992938e 
# 
loop_
_citation_author.citation_id 
_citation_author.name 
_citation_author.ordinal 
_citation_author.identifier_ORCID 
primary 'Chen, X.'       1 ? 
primary 'McDowell, J.A.' 2 ? 
primary 'Kierzek, R.'    3 ? 
primary 'Krugh, T.R.'    4 ? 
primary 'Turner, D.H.'   5 ? 
# 
_entity.id                         1 
_entity.type                       polymer 
_entity.src_method                 syn 
_entity.pdbx_description           
;RNA (5'-R(*GP*GP*CP*GP*UP*GP*CP*C)-3')
;
_entity.formula_weight             2557.577 
_entity.pdbx_number_of_molecules   2 
_entity.pdbx_ec                    ? 
_entity.pdbx_mutation              ? 
_entity.pdbx_fragment              ? 
_entity.details                    ? 
# 
_entity_poly.entity_id                      1 
_entity_poly.type                           polyribonucleotide 
_entity_poly.nstd_linkage                   no 
_entity_poly.nstd_monomer                   no 
_entity_poly.pdbx_seq_one_letter_code       GGCGUGCC 
_entity_poly.pdbx_seq_one_letter_code_can   GGCGUGCC 
_entity_poly.pdbx_strand_id                 A,B 
_entity_poly.pdbx_target_identifier         ? 
# 
loop_
_entity_poly_seq.entity_id 
_entity_poly_seq.num 
_entity_poly_seq.mon_id 
_entity_poly_seq.hetero 
1 1 G n 
1 2 G n 
1 3 C n 
1 4 G n 
1 5 U n 
1 6 G n 
1 7 C n 
1 8 C n 
# 
loop_
_chem_comp.id 
_chem_comp.type 
_chem_comp.mon_nstd_flag 
_chem_comp.name 
_chem_comp.pdbx_synonyms 
_chem_comp.formula 
_chem_comp.formula_weight 
C 'RNA linking' y "CYTIDINE-5'-MONOPHOSPHATE"  ? 'C9 H14 N3 O8 P'  323.197 
G 'RNA linking' y "GUANOSINE-5'-MONOPHOSPHATE" ? 'C10 H14 N5 O8 P' 363.221 
U 'RNA linking' y "URIDINE-5'-MONOPHOSPHATE"   ? 'C9 H13 N2 O9 P'  324.181 
# 
loop_
_pdbx_poly_seq_scheme.asym_id 
_pdbx_poly_seq_scheme.entity_id 
_pdbx_poly_seq_scheme.seq_id 
_pdbx_poly_seq_scheme.mon_id 
_pdbx_poly_seq_scheme.ndb_seq_num 
_pdbx_poly_seq_scheme.pdb_seq_num 
_pdbx_poly_seq_scheme.auth_seq_num 
_pdbx_poly_seq_scheme.pdb_mon_id 
_pdbx_poly_seq_scheme.auth_mon_id 
_pdbx_poly_seq_scheme.pdb_strand_id 
_pdbx_poly_seq_scheme.pdb_ins_code 
_pdbx_poly_seq_scheme.hetero 
A 1 1 G 1 1 1 G G A . n 
A 1 2 G 2 2 2 G G A . n 
A 1 3 C 3 3 3 C C A . n 
A 1 4 G 4 4 4 G G A . n 
A 1 5 U 5 5 5 U U A . n 
A 1 6 G 6 6 6 G G A . n 
A 1 7 C 7 7 7 C C A . n 
A 1 8 C 8 8 8 C C A . n 
B 1 1 G 1 1 1 G G B . n 
B 1 2 G 2 2 2 G G B . n 
B 1 3 C 3 3 3 C C B . n 
B 1 4 G 4 4 4 G G B . n 
B 1 5 U 5 5 5 U U B . n 
B 1 6 G 6 6 6 G G B . n 
B 1 7 C 7 7 7 C C B . n 
B 1 8 C 8 8 8 C C B . n 
# 
_cell.entry_id           1EKD 
_cell.length_a           1.000 
_cell.length_b           1.000 
_cell.length_c           1.000 
_cell.angle_alpha        90.00 
_cell.angle_beta         90.00 
_cell.angle_gamma        90.00 
_cell.Z_PDB              1 
_cell.pdbx_unique_axis   ? 
# 
_symmetry.entry_id                         1EKD 
_symmetry.space_group_name_H-M             'P 1' 
_symmetry.pdbx_full_space_group_name_H-M   ? 
_symmetry.cell_setting                     ? 
_symmetry.Int_Tables_number                1 
# 
_exptl.entry_id          1EKD 
_exptl.method            'SOLUTION NMR' 
_exptl.crystals_number   ? 
# 
_struct.entry_id                  1EKD 
_struct.title                     
;NMR AND MOLECULAR MODELING REVEAL THAT DIFFERENT HYDROGEN BONDING PATTERNS ARE POSSIBLE FOR GU PAIRS: ONE HYDROGEN BOND FOR EACH GU PAIR IN R(GGCGUGCC)2 AND TWO FOR EACH GU PAIR IN R(GAGUGCUC)2
;
_struct.pdbx_model_details        ? 
_struct.pdbx_CASP_flag            ? 
_struct.pdbx_model_type_details   'minimized average' 
# 
_struct_keywords.entry_id        1EKD 
_struct_keywords.pdbx_keywords   RNA 
_struct_keywords.text            'RNA, GU pair, Hydrogen Bond, Double Helix' 
# 
loop_
_struct_asym.id 
_struct_asym.pdbx_blank_PDB_chainid_flag 
_struct_asym.pdbx_modified 
_struct_asym.entity_id 
_struct_asym.details 
A N N 1 ? 
B N N 1 ? 
# 
_struct_ref.id                         1 
_struct_ref.entity_id                  1 
_struct_ref.db_name                    PDB 
_struct_ref.db_code                    1EKD 
_struct_ref.pdbx_db_accession          1EKD 
_struct_ref.pdbx_db_isoform            ? 
_struct_ref.pdbx_seq_one_letter_code   ? 
_struct_ref.pdbx_align_begin           ? 
# 
loop_
_struct_ref_seq.align_id 
_struct_ref_seq.ref_id 
_struct_ref_seq.pdbx_PDB_id_code 
_struct_ref_seq.pdbx_strand_id 
_struct_ref_seq.seq_align_beg 
_struct_ref_seq.pdbx_seq_align_beg_ins_code 
_struct_ref_seq.seq_align_end 
_struct_ref_seq.pdbx_seq_align_end_ins_code 
_struct_ref_seq.pdbx_db_accession 
_struct_ref_seq.db_align_beg 
_struct_ref_seq.pdbx_db_align_beg_ins_code 
_struct_ref_seq.db_align_end 
_struct_ref_seq.pdbx_db_align_end_ins_code 
_struct_ref_seq.pdbx_auth_seq_align_beg 
_struct_ref_seq.pdbx_auth_seq_align_end 
1 1 1EKD A 1 ? 8 ? 1EKD 1 ? 8 ? 1 8 
2 1 1EKD B 1 ? 8 ? 1EKD 1 ? 8 ? 1 8 
# 
_pdbx_struct_assembly.id                   1 
_pdbx_struct_assembly.details              author_defined_assembly 
_pdbx_struct_assembly.method_details       ? 
_pdbx_struct_assembly.oligomeric_details   dimeric 
_pdbx_struct_assembly.oligomeric_count     2 
# 
_pdbx_struct_assembly_gen.assembly_id       1 
_pdbx_struct_assembly_gen.oper_expression   1 
_pdbx_struct_assembly_gen.asym_id_list      A,B 
# 
_pdbx_struct_oper_list.id                   1 
_pdbx_struct_oper_list.type                 'identity operation' 
_pdbx_struct_oper_list.name                 1_555 
_pdbx_struct_oper_list.symmetry_operation   x,y,z 
_pdbx_struct_oper_list.matrix[1][1]         1.0000000000 
_pdbx_struct_oper_list.matrix[1][2]         0.0000000000 
_pdbx_struct_oper_list.matrix[1][3]         0.0000000000 
_pdbx_struct_oper_list.vector[1]            0.0000000000 
_pdbx_struct_oper_list.matrix[2][1]         0.0000000000 
_pdbx_struct_oper_list.matrix[2][2]         1.0000000000 
_pdbx_struct_oper_list.matrix[2][3]         0.0000000000 
_pdbx_struct_oper_list.vector[2]            0.0000000000 
_pdbx_struct_oper_list.matrix[3][1]         0.0000000000 
_pdbx_struct_oper_list.matrix[3][2]         0.0000000000 
_pdbx_struct_oper_list.matrix[3][3]         1.0000000000 
_pdbx_struct_oper_list.vector[3]            0.0000000000 
# 
_struct_biol.id   1 
# 
loop_
_struct_conn.id 
_struct_conn.conn_type_id 
_struct_conn.pdbx_leaving_atom_flag 
_struct_conn.pdbx_PDB_id 
_struct_conn.ptnr1_label_asym_id 
_struct_conn.ptnr1_label_comp_id 
_struct_conn.ptnr1_label_seq_id 
_struct_conn.ptnr1_label_atom_id 
_struct_conn.pdbx_ptnr1_label_alt_id 
_struct_conn.pdbx_ptnr1_PDB_ins_code 
_struct_conn.pdbx_ptnr1_standard_comp_id 
_struct_conn.ptnr1_symmetry 
_struct_conn.ptnr2_label_asym_id 
_struct_conn.ptnr2_label_comp_id 
_struct_conn.ptnr2_label_seq_id 
_struct_conn.ptnr2_label_atom_id 
_struct_conn.pdbx_ptnr2_label_alt_id 
_struct_conn.pdbx_ptnr2_PDB_ins_code 
_struct_conn.ptnr1_auth_asym_id 
_struct_conn.ptnr1_auth_comp_id 
_struct_conn.ptnr1_auth_seq_id 
_struct_conn.ptnr2_auth_asym_id 
_struct_conn.ptnr2_auth_comp_id 
_struct_conn.ptnr2_auth_seq_id 
_struct_conn.ptnr2_symmetry 
_struct_conn.pdbx_ptnr3_label_atom_id 
_struct_conn.pdbx_ptnr3_label_seq_id 
_struct_conn.pdbx_ptnr3_label_comp_id 
_struct_conn.pdbx_ptnr3_label_asym_id 
_struct_conn.pdbx_ptnr3_label_alt_id 
_struct_conn.pdbx_ptnr3_PDB_ins_code 
_struct_conn.details 
_struct_conn.pdbx_dist_value 
_struct_conn.pdbx_value_order 
_struct_conn.pdbx_role 
hydrog1  hydrog ? ? A G 1 N1 ? ? ? 1_555 B C 8 N3 ? ? A G 1 B C 8 1_555 ? ? ? ? ? ? WATSON-CRICK  ? ? ? 
hydrog2  hydrog ? ? A G 1 N2 ? ? ? 1_555 B C 8 O2 ? ? A G 1 B C 8 1_555 ? ? ? ? ? ? WATSON-CRICK  ? ? ? 
hydrog3  hydrog ? ? A G 1 O6 ? ? ? 1_555 B C 8 N4 ? ? A G 1 B C 8 1_555 ? ? ? ? ? ? WATSON-CRICK  ? ? ? 
hydrog4  hydrog ? ? A G 2 N1 ? ? ? 1_555 B C 7 N3 ? ? A G 2 B C 7 1_555 ? ? ? ? ? ? WATSON-CRICK  ? ? ? 
hydrog5  hydrog ? ? A G 2 N2 ? ? ? 1_555 B C 7 O2 ? ? A G 2 B C 7 1_555 ? ? ? ? ? ? WATSON-CRICK  ? ? ? 
hydrog6  hydrog ? ? A G 2 O6 ? ? ? 1_555 B C 7 N4 ? ? A G 2 B C 7 1_555 ? ? ? ? ? ? WATSON-CRICK  ? ? ? 
hydrog7  hydrog ? ? A C 3 N3 ? ? ? 1_555 B G 6 N1 ? ? A C 3 B G 6 1_555 ? ? ? ? ? ? WATSON-CRICK  ? ? ? 
hydrog8  hydrog ? ? A C 3 N4 ? ? ? 1_555 B G 6 O6 ? ? A C 3 B G 6 1_555 ? ? ? ? ? ? WATSON-CRICK  ? ? ? 
hydrog9  hydrog ? ? A C 3 O2 ? ? ? 1_555 B G 6 N2 ? ? A C 3 B G 6 1_555 ? ? ? ? ? ? WATSON-CRICK  ? ? ? 
hydrog10 hydrog ? ? A G 4 N1 ? ? ? 1_555 B U 5 O2 ? ? A G 4 B U 5 1_555 ? ? ? ? ? ? 'G-U MISPAIR' ? ? ? 
hydrog11 hydrog ? ? A U 5 O2 ? ? ? 1_555 B G 4 N1 ? ? A U 5 B G 4 1_555 ? ? ? ? ? ? 'U-G MISPAIR' ? ? ? 
hydrog12 hydrog ? ? A G 6 N1 ? ? ? 1_555 B C 3 N3 ? ? A G 6 B C 3 1_555 ? ? ? ? ? ? WATSON-CRICK  ? ? ? 
hydrog13 hydrog ? ? A G 6 N2 ? ? ? 1_555 B C 3 O2 ? ? A G 6 B C 3 1_555 ? ? ? ? ? ? WATSON-CRICK  ? ? ? 
hydrog14 hydrog ? ? A G 6 O6 ? ? ? 1_555 B C 3 N4 ? ? A G 6 B C 3 1_555 ? ? ? ? ? ? WATSON-CRICK  ? ? ? 
hydrog15 hydrog ? ? A C 7 N3 ? ? ? 1_555 B G 2 N1 ? ? A C 7 B G 2 1_555 ? ? ? ? ? ? WATSON-CRICK  ? ? ? 
hydrog16 hydrog ? ? A C 7 N4 ? ? ? 1_555 B G 2 O6 ? ? A C 7 B G 2 1_555 ? ? ? ? ? ? WATSON-CRICK  ? ? ? 
hydrog17 hydrog ? ? A C 7 O2 ? ? ? 1_555 B G 2 N2 ? ? A C 7 B G 2 1_555 ? ? ? ? ? ? WATSON-CRICK  ? ? ? 
hydrog18 hydrog ? ? A C 8 N3 ? ? ? 1_555 B G 1 N1 ? ? A C 8 B G 1 1_555 ? ? ? ? ? ? WATSON-CRICK  ? ? ? 
hydrog19 hydrog ? ? A C 8 N4 ? ? ? 1_555 B G 1 O6 ? ? A C 8 B G 1 1_555 ? ? ? ? ? ? WATSON-CRICK  ? ? ? 
hydrog20 hydrog ? ? A C 8 O2 ? ? ? 1_555 B G 1 N2 ? ? A C 8 B G 1 1_555 ? ? ? ? ? ? WATSON-CRICK  ? ? ? 
# 
_struct_conn_type.id          hydrog 
_struct_conn_type.criteria    ? 
_struct_conn_type.reference   ? 
# 
loop_
_pdbx_validate_rmsd_angle.id 
_pdbx_validate_rmsd_angle.PDB_model_num 
_pdbx_validate_rmsd_angle.auth_atom_id_1 
_pdbx_validate_rmsd_angle.auth_asym_id_1 
_pdbx_validate_rmsd_angle.auth_comp_id_1 
_pdbx_validate_rmsd_angle.auth_seq_id_1 
_pdbx_validate_rmsd_angle.PDB_ins_code_1 
_pdbx_validate_rmsd_angle.label_alt_id_1 
_pdbx_validate_rmsd_angle.auth_atom_id_2 
_pdbx_validate_rmsd_angle.auth_asym_id_2 
_pdbx_validate_rmsd_angle.auth_comp_id_2 
_pdbx_validate_rmsd_angle.auth_seq_id_2 
_pdbx_validate_rmsd_angle.PDB_ins_code_2 
_pdbx_validate_rmsd_angle.label_alt_id_2 
_pdbx_validate_rmsd_angle.auth_atom_id_3 
_pdbx_validate_rmsd_angle.auth_asym_id_3 
_pdbx_validate_rmsd_angle.auth_comp_id_3 
_pdbx_validate_rmsd_angle.auth_seq_id_3 
_pdbx_validate_rmsd_angle.PDB_ins_code_3 
_pdbx_validate_rmsd_angle.label_alt_id_3 
_pdbx_validate_rmsd_angle.angle_value 
_pdbx_validate_rmsd_angle.angle_target_value 
_pdbx_validate_rmsd_angle.angle_deviation 
_pdbx_validate_rmsd_angle.angle_standard_deviation 
_pdbx_validate_rmsd_angle.linker_flag 
1 1 "O4'" A C 3 ? ? "C1'" A C 3 ? ? N1 A C 3 ? ? 113.63 108.50 5.13 0.70 N 
2 1 "O4'" A U 5 ? ? "C1'" A U 5 ? ? N1 A U 5 ? ? 112.80 108.50 4.30 0.70 N 
3 1 "O4'" A C 7 ? ? "C1'" A C 7 ? ? N1 A C 7 ? ? 113.14 108.50 4.64 0.70 N 
4 1 "O4'" B C 3 ? ? "C1'" B C 3 ? ? N1 B C 3 ? ? 113.27 108.50 4.77 0.70 N 
5 1 "O4'" B C 7 ? ? "C1'" B C 7 ? ? N1 B C 7 ? ? 112.75 108.50 4.25 0.70 N 
# 
_pdbx_nmr_ensemble.entry_id                                      1EKD 
_pdbx_nmr_ensemble.conformers_calculated_total_number            ? 
_pdbx_nmr_ensemble.conformers_submitted_total_number             1 
_pdbx_nmr_ensemble.conformer_selection_criteria                  ? 
_pdbx_nmr_ensemble.average_constraints_per_residue               ? 
_pdbx_nmr_ensemble.average_constraint_violations_per_residue     ? 
_pdbx_nmr_ensemble.maximum_distance_constraint_violation         ? 
_pdbx_nmr_ensemble.average_distance_constraint_violation         ? 
_pdbx_nmr_ensemble.maximum_upper_distance_constraint_violation   ? 
_pdbx_nmr_ensemble.maximum_lower_distance_constraint_violation   ? 
_pdbx_nmr_ensemble.distance_constraint_violation_method          ? 
_pdbx_nmr_ensemble.maximum_torsion_angle_constraint_violation    ? 
_pdbx_nmr_ensemble.average_torsion_angle_constraint_violation    ? 
_pdbx_nmr_ensemble.torsion_angle_constraint_violation_method     ? 
# 
_pdbx_nmr_representative.entry_id             1EKD 
_pdbx_nmr_representative.conformer_id         ? 
_pdbx_nmr_representative.selection_criteria   'minimized average structure' 
# 
loop_
_pdbx_nmr_sample_details.solution_id 
_pdbx_nmr_sample_details.contents 
_pdbx_nmr_sample_details.solvent_system 
1 '2.5 mM RNA oligomer' '10 mM phosphate, 80 mM NaCl, 100% D2O'         
2 '0.5 mM RNA oligomer' '10 mM phosphate, 80 mM NaCl, 90% H2O, 10% D2O' 
# 
_pdbx_nmr_exptl_sample_conditions.conditions_id       1 
_pdbx_nmr_exptl_sample_conditions.temperature         301 
_pdbx_nmr_exptl_sample_conditions.pressure            ambient 
_pdbx_nmr_exptl_sample_conditions.pH                  7 
_pdbx_nmr_exptl_sample_conditions.ionic_strength      0.1M 
_pdbx_nmr_exptl_sample_conditions.pressure_units      ? 
_pdbx_nmr_exptl_sample_conditions.temperature_units   K 
# 
_pdbx_nmr_exptl.experiment_id   1 
_pdbx_nmr_exptl.conditions_id   1 
_pdbx_nmr_exptl.solution_id     1 
_pdbx_nmr_exptl.type            '2D NOESY' 
# 
_pdbx_nmr_refine.entry_id           1EKD 
_pdbx_nmr_refine.method             'Simulated annealing, Molecular dynamics, Energy minimization' 
_pdbx_nmr_refine.details            ? 
_pdbx_nmr_refine.software_ordinal   1 
# 
loop_
_chem_comp_atom.comp_id 
_chem_comp_atom.atom_id 
_chem_comp_atom.type_symbol 
_chem_comp_atom.pdbx_aromatic_flag 
_chem_comp_atom.pdbx_stereo_config 
_chem_comp_atom.pdbx_ordinal 
C OP3    O N N 1   
C P      P N N 2   
C OP1    O N N 3   
C OP2    O N N 4   
C "O5'"  O N N 5   
C "C5'"  C N N 6   
C "C4'"  C N R 7   
C "O4'"  O N N 8   
C "C3'"  C N S 9   
C "O3'"  O N N 10  
C "C2'"  C N R 11  
C "O2'"  O N N 12  
C "C1'"  C N R 13  
C N1     N N N 14  
C C2     C N N 15  
C O2     O N N 16  
C N3     N N N 17  
C C4     C N N 18  
C N4     N N N 19  
C C5     C N N 20  
C C6     C N N 21  
C HOP3   H N N 22  
C HOP2   H N N 23  
C "H5'"  H N N 24  
C "H5''" H N N 25  
C "H4'"  H N N 26  
C "H3'"  H N N 27  
C "HO3'" H N N 28  
C "H2'"  H N N 29  
C "HO2'" H N N 30  
C "H1'"  H N N 31  
C H41    H N N 32  
C H42    H N N 33  
C H5     H N N 34  
C H6     H N N 35  
G OP3    O N N 36  
G P      P N N 37  
G OP1    O N N 38  
G OP2    O N N 39  
G "O5'"  O N N 40  
G "C5'"  C N N 41  
G "C4'"  C N R 42  
G "O4'"  O N N 43  
G "C3'"  C N S 44  
G "O3'"  O N N 45  
G "C2'"  C N R 46  
G "O2'"  O N N 47  
G "C1'"  C N R 48  
G N9     N Y N 49  
G C8     C Y N 50  
G N7     N Y N 51  
G C5     C Y N 52  
G C6     C N N 53  
G O6     O N N 54  
G N1     N N N 55  
G C2     C N N 56  
G N2     N N N 57  
G N3     N N N 58  
G C4     C Y N 59  
G HOP3   H N N 60  
G HOP2   H N N 61  
G "H5'"  H N N 62  
G "H5''" H N N 63  
G "H4'"  H N N 64  
G "H3'"  H N N 65  
G "HO3'" H N N 66  
G "H2'"  H N N 67  
G "HO2'" H N N 68  
G "H1'"  H N N 69  
G H8     H N N 70  
G H1     H N N 71  
G H21    H N N 72  
G H22    H N N 73  
U OP3    O N N 74  
U P      P N N 75  
U OP1    O N N 76  
U OP2    O N N 77  
U "O5'"  O N N 78  
U "C5'"  C N N 79  
U "C4'"  C N R 80  
U "O4'"  O N N 81  
U "C3'"  C N S 82  
U "O3'"  O N N 83  
U "C2'"  C N R 84  
U "O2'"  O N N 85  
U "C1'"  C N R 86  
U N1     N N N 87  
U C2     C N N 88  
U O2     O N N 89  
U N3     N N N 90  
U C4     C N N 91  
U O4     O N N 92  
U C5     C N N 93  
U C6     C N N 94  
U HOP3   H N N 95  
U HOP2   H N N 96  
U "H5'"  H N N 97  
U "H5''" H N N 98  
U "H4'"  H N N 99  
U "H3'"  H N N 100 
U "HO3'" H N N 101 
U "H2'"  H N N 102 
U "HO2'" H N N 103 
U "H1'"  H N N 104 
U H3     H N N 105 
U H5     H N N 106 
U H6     H N N 107 
# 
loop_
_chem_comp_bond.comp_id 
_chem_comp_bond.atom_id_1 
_chem_comp_bond.atom_id_2 
_chem_comp_bond.value_order 
_chem_comp_bond.pdbx_aromatic_flag 
_chem_comp_bond.pdbx_stereo_config 
_chem_comp_bond.pdbx_ordinal 
C OP3   P      sing N N 1   
C OP3   HOP3   sing N N 2   
C P     OP1    doub N N 3   
C P     OP2    sing N N 4   
C P     "O5'"  sing N N 5   
C OP2   HOP2   sing N N 6   
C "O5'" "C5'"  sing N N 7   
C "C5'" "C4'"  sing N N 8   
C "C5'" "H5'"  sing N N 9   
C "C5'" "H5''" sing N N 10  
C "C4'" "O4'"  sing N N 11  
C "C4'" "C3'"  sing N N 12  
C "C4'" "H4'"  sing N N 13  
C "O4'" "C1'"  sing N N 14  
C "C3'" "O3'"  sing N N 15  
C "C3'" "C2'"  sing N N 16  
C "C3'" "H3'"  sing N N 17  
C "O3'" "HO3'" sing N N 18  
C "C2'" "O2'"  sing N N 19  
C "C2'" "C1'"  sing N N 20  
C "C2'" "H2'"  sing N N 21  
C "O2'" "HO2'" sing N N 22  
C "C1'" N1     sing N N 23  
C "C1'" "H1'"  sing N N 24  
C N1    C2     sing N N 25  
C N1    C6     sing N N 26  
C C2    O2     doub N N 27  
C C2    N3     sing N N 28  
C N3    C4     doub N N 29  
C C4    N4     sing N N 30  
C C4    C5     sing N N 31  
C N4    H41    sing N N 32  
C N4    H42    sing N N 33  
C C5    C6     doub N N 34  
C C5    H5     sing N N 35  
C C6    H6     sing N N 36  
G OP3   P      sing N N 37  
G OP3   HOP3   sing N N 38  
G P     OP1    doub N N 39  
G P     OP2    sing N N 40  
G P     "O5'"  sing N N 41  
G OP2   HOP2   sing N N 42  
G "O5'" "C5'"  sing N N 43  
G "C5'" "C4'"  sing N N 44  
G "C5'" "H5'"  sing N N 45  
G "C5'" "H5''" sing N N 46  
G "C4'" "O4'"  sing N N 47  
G "C4'" "C3'"  sing N N 48  
G "C4'" "H4'"  sing N N 49  
G "O4'" "C1'"  sing N N 50  
G "C3'" "O3'"  sing N N 51  
G "C3'" "C2'"  sing N N 52  
G "C3'" "H3'"  sing N N 53  
G "O3'" "HO3'" sing N N 54  
G "C2'" "O2'"  sing N N 55  
G "C2'" "C1'"  sing N N 56  
G "C2'" "H2'"  sing N N 57  
G "O2'" "HO2'" sing N N 58  
G "C1'" N9     sing N N 59  
G "C1'" "H1'"  sing N N 60  
G N9    C8     sing Y N 61  
G N9    C4     sing Y N 62  
G C8    N7     doub Y N 63  
G C8    H8     sing N N 64  
G N7    C5     sing Y N 65  
G C5    C6     sing N N 66  
G C5    C4     doub Y N 67  
G C6    O6     doub N N 68  
G C6    N1     sing N N 69  
G N1    C2     sing N N 70  
G N1    H1     sing N N 71  
G C2    N2     sing N N 72  
G C2    N3     doub N N 73  
G N2    H21    sing N N 74  
G N2    H22    sing N N 75  
G N3    C4     sing N N 76  
U OP3   P      sing N N 77  
U OP3   HOP3   sing N N 78  
U P     OP1    doub N N 79  
U P     OP2    sing N N 80  
U P     "O5'"  sing N N 81  
U OP2   HOP2   sing N N 82  
U "O5'" "C5'"  sing N N 83  
U "C5'" "C4'"  sing N N 84  
U "C5'" "H5'"  sing N N 85  
U "C5'" "H5''" sing N N 86  
U "C4'" "O4'"  sing N N 87  
U "C4'" "C3'"  sing N N 88  
U "C4'" "H4'"  sing N N 89  
U "O4'" "C1'"  sing N N 90  
U "C3'" "O3'"  sing N N 91  
U "C3'" "C2'"  sing N N 92  
U "C3'" "H3'"  sing N N 93  
U "O3'" "HO3'" sing N N 94  
U "C2'" "O2'"  sing N N 95  
U "C2'" "C1'"  sing N N 96  
U "C2'" "H2'"  sing N N 97  
U "O2'" "HO2'" sing N N 98  
U "C1'" N1     sing N N 99  
U "C1'" "H1'"  sing N N 100 
U N1    C2     sing N N 101 
U N1    C6     sing N N 102 
U C2    O2     doub N N 103 
U C2    N3     sing N N 104 
U N3    C4     sing N N 105 
U N3    H3     sing N N 106 
U C4    O4     doub N N 107 
U C4    C5     sing N N 108 
U C5    C6     doub N N 109 
U C5    H5     sing N N 110 
U C6    H6     sing N N 111 
# 
loop_
_ndb_struct_conf_na.entry_id 
_ndb_struct_conf_na.feature 
1EKD 'a-form double helix'  
1EKD 'mismatched base pair' 
# 
loop_
_ndb_struct_na_base_pair.model_number 
_ndb_struct_na_base_pair.i_label_asym_id 
_ndb_struct_na_base_pair.i_label_comp_id 
_ndb_struct_na_base_pair.i_label_seq_id 
_ndb_struct_na_base_pair.i_symmetry 
_ndb_struct_na_base_pair.j_label_asym_id 
_ndb_struct_na_base_pair.j_label_comp_id 
_ndb_struct_na_base_pair.j_label_seq_id 
_ndb_struct_na_base_pair.j_symmetry 
_ndb_struct_na_base_pair.shear 
_ndb_struct_na_base_pair.stretch 
_ndb_struct_na_base_pair.stagger 
_ndb_struct_na_base_pair.buckle 
_ndb_struct_na_base_pair.propeller 
_ndb_struct_na_base_pair.opening 
_ndb_struct_na_base_pair.pair_number 
_ndb_struct_na_base_pair.pair_name 
_ndb_struct_na_base_pair.i_auth_asym_id 
_ndb_struct_na_base_pair.i_auth_seq_id 
_ndb_struct_na_base_pair.i_PDB_ins_code 
_ndb_struct_na_base_pair.j_auth_asym_id 
_ndb_struct_na_base_pair.j_auth_seq_id 
_ndb_struct_na_base_pair.j_PDB_ins_code 
_ndb_struct_na_base_pair.hbond_type_28 
_ndb_struct_na_base_pair.hbond_type_12 
1 A G 1 1_555 B C 8 1_555 -0.462 -0.104 -0.252 -10.360 -3.860  -1.579 1 A_G1:C8_B A 1 ? B 8 ? 19 1 
1 A G 2 1_555 B C 7 1_555 -0.357 -0.058 0.029  0.408   -7.172  -0.189 2 A_G2:C7_B A 2 ? B 7 ? 19 1 
1 A C 3 1_555 B G 6 1_555 0.689  -0.182 -0.176 9.361   -13.043 0.371  3 A_C3:G6_B A 3 ? B 6 ? 19 1 
1 A G 4 1_555 B U 5 1_555 -2.562 0.829  0.451  -0.224  -15.211 33.766 4 A_G4:U5_B A 4 ? B 5 ? ?  1 
1 A U 5 1_555 B G 4 1_555 2.591  0.828  0.404  1.744   -15.966 34.095 5 A_U5:G4_B A 5 ? B 4 ? ?  1 
1 A G 6 1_555 B C 3 1_555 -0.673 -0.176 -0.168 -8.473  -12.799 0.478  6 A_G6:C3_B A 6 ? B 3 ? 19 1 
1 A C 7 1_555 B G 2 1_555 0.394  -0.059 -0.022 1.468   -7.556  0.148  7 A_C7:G2_B A 7 ? B 2 ? 19 1 
1 A C 8 1_555 B G 1 1_555 0.436  -0.093 -0.336 12.684  -3.783  -1.658 8 A_C8:G1_B A 8 ? B 1 ? 19 1 
# 
loop_
_ndb_struct_na_base_pair_step.model_number 
_ndb_struct_na_base_pair_step.i_label_asym_id_1 
_ndb_struct_na_base_pair_step.i_label_comp_id_1 
_ndb_struct_na_base_pair_step.i_label_seq_id_1 
_ndb_struct_na_base_pair_step.i_symmetry_1 
_ndb_struct_na_base_pair_step.j_label_asym_id_1 
_ndb_struct_na_base_pair_step.j_label_comp_id_1 
_ndb_struct_na_base_pair_step.j_label_seq_id_1 
_ndb_struct_na_base_pair_step.j_symmetry_1 
_ndb_struct_na_base_pair_step.i_label_asym_id_2 
_ndb_struct_na_base_pair_step.i_label_comp_id_2 
_ndb_struct_na_base_pair_step.i_label_seq_id_2 
_ndb_struct_na_base_pair_step.i_symmetry_2 
_ndb_struct_na_base_pair_step.j_label_asym_id_2 
_ndb_struct_na_base_pair_step.j_label_comp_id_2 
_ndb_struct_na_base_pair_step.j_label_seq_id_2 
_ndb_struct_na_base_pair_step.j_symmetry_2 
_ndb_struct_na_base_pair_step.shift 
_ndb_struct_na_base_pair_step.slide 
_ndb_struct_na_base_pair_step.rise 
_ndb_struct_na_base_pair_step.tilt 
_ndb_struct_na_base_pair_step.roll 
_ndb_struct_na_base_pair_step.twist 
_ndb_struct_na_base_pair_step.x_displacement 
_ndb_struct_na_base_pair_step.y_displacement 
_ndb_struct_na_base_pair_step.helical_rise 
_ndb_struct_na_base_pair_step.inclination 
_ndb_struct_na_base_pair_step.tip 
_ndb_struct_na_base_pair_step.helical_twist 
_ndb_struct_na_base_pair_step.step_number 
_ndb_struct_na_base_pair_step.step_name 
_ndb_struct_na_base_pair_step.i_auth_asym_id_1 
_ndb_struct_na_base_pair_step.i_auth_seq_id_1 
_ndb_struct_na_base_pair_step.i_PDB_ins_code_1 
_ndb_struct_na_base_pair_step.j_auth_asym_id_1 
_ndb_struct_na_base_pair_step.j_auth_seq_id_1 
_ndb_struct_na_base_pair_step.j_PDB_ins_code_1 
_ndb_struct_na_base_pair_step.i_auth_asym_id_2 
_ndb_struct_na_base_pair_step.i_auth_seq_id_2 
_ndb_struct_na_base_pair_step.i_PDB_ins_code_2 
_ndb_struct_na_base_pair_step.j_auth_asym_id_2 
_ndb_struct_na_base_pair_step.j_auth_seq_id_2 
_ndb_struct_na_base_pair_step.j_PDB_ins_code_2 
1 A G 1 1_555 B C 8 1_555 A G 2 1_555 B C 7 1_555 0.256  -1.649 3.031 -0.819 4.247  30.180 -3.891 -0.632 2.770 8.104  1.563  
30.481 1 AA_G1G2:C7C8_BB A 1 ? B 8 ? A 2 ? B 7 ? 
1 A G 2 1_555 B C 7 1_555 A C 3 1_555 B G 6 1_555 0.210  -1.592 3.130 1.907  0.410  33.728 -2.803 -0.066 3.117 0.705  -3.284 
33.783 2 AA_G2C3:G6C7_BB A 2 ? B 7 ? A 3 ? B 6 ? 
1 A C 3 1_555 B G 6 1_555 A G 4 1_555 B U 5 1_555 2.618  -2.064 3.152 -1.043 11.446 19.071 -8.684 -7.091 1.533 31.150 2.840  
22.239 3 AA_C3G4:U5G6_BB A 3 ? B 6 ? A 4 ? B 5 ? 
1 A G 4 1_555 B U 5 1_555 A U 5 1_555 B G 4 1_555 -0.033 -0.577 3.350 0.332  1.834  46.060 -0.897 0.072  3.326 2.343  -0.424 
46.095 4 AA_G4U5:G4U5_BB A 4 ? B 5 ? A 5 ? B 4 ? 
1 A U 5 1_555 B G 4 1_555 A G 6 1_555 B C 3 1_555 -2.659 -2.047 3.171 0.546  11.930 18.863 -8.789 7.035  1.537 32.517 -1.487 
22.297 5 AA_U5G6:C3G4_BB A 5 ? B 4 ? A 6 ? B 3 ? 
1 A G 6 1_555 B C 3 1_555 A C 7 1_555 B G 2 1_555 -0.225 -1.558 3.108 -1.550 0.486  33.651 -2.763 0.149  3.093 0.838  2.676  
33.689 6 AA_G6C7:G2C3_BB A 6 ? B 3 ? A 7 ? B 2 ? 
1 A C 7 1_555 B G 2 1_555 A C 8 1_555 B G 1 1_555 -0.355 -1.679 3.024 0.911  5.528  29.539 -4.233 0.848  2.661 10.721 -1.767 
30.054 7 AA_C7C8:G1G2_BB A 7 ? B 2 ? A 8 ? B 1 ? 
# 
loop_
_pdbx_nmr_spectrometer.spectrometer_id 
_pdbx_nmr_spectrometer.type 
_pdbx_nmr_spectrometer.manufacturer 
_pdbx_nmr_spectrometer.model 
_pdbx_nmr_spectrometer.field_strength 
1 ? Varian UNITYPLUS 500 
2 ? Varian INOVA     500 
# 
_atom_sites.entry_id                    1EKD 
_atom_sites.fract_transf_matrix[1][1]   1.000000 
_atom_sites.fract_transf_matrix[1][2]   0.000000 
_atom_sites.fract_transf_matrix[1][3]   0.000000 
_atom_sites.fract_transf_matrix[2][1]   0.000000 
_atom_sites.fract_transf_matrix[2][2]   1.000000 
_atom_sites.fract_transf_matrix[2][3]   0.000000 
_atom_sites.fract_transf_matrix[3][1]   0.000000 
_atom_sites.fract_transf_matrix[3][2]   0.000000 
_atom_sites.fract_transf_matrix[3][3]   1.000000 
_atom_sites.fract_transf_vector[1]      0.00000 
_atom_sites.fract_transf_vector[2]      0.00000 
_atom_sites.fract_transf_vector[3]      0.00000 
# 
loop_
_atom_type.symbol 
C 
H 
N 
O 
P 
# 
loop_
_atom_site.group_PDB 
_atom_site.id 
_atom_site.type_symbol 
_atom_site.label_atom_id 
_atom_site.label_alt_id 
_atom_site.label_comp_id 
_atom_site.label_asym_id 
_atom_site.label_entity_id 
_atom_site.label_seq_id 
_atom_site.pdbx_PDB_ins_code 
_atom_site.Cartn_x 
_atom_site.Cartn_y 
_atom_site.Cartn_z 
_atom_site.occupancy 
_atom_site.B_iso_or_equiv 
_atom_site.pdbx_formal_charge 
_atom_site.auth_seq_id 
_atom_site.auth_comp_id 
_atom_site.auth_asym_id 
_atom_site.auth_atom_id 
_atom_site.pdbx_PDB_model_num 
ATOM 1   O "O5'"  . G A 1 1 ? -11.965 -0.763  7.548   1.00 0.00 ? 1 G A "O5'"  1 
ATOM 2   C "C5'"  . G A 1 1 ? -13.192 -0.128  7.858   1.00 0.00 ? 1 G A "C5'"  1 
ATOM 3   C "C4'"  . G A 1 1 ? -13.031 1.379   8.108   1.00 0.00 ? 1 G A "C4'"  1 
ATOM 4   O "O4'"  . G A 1 1 ? -12.350 1.661   9.323   1.00 0.00 ? 1 G A "O4'"  1 
ATOM 5   C "C3'"  . G A 1 1 ? -12.259 2.112   7.013   1.00 0.00 ? 1 G A "C3'"  1 
ATOM 6   O "O3'"  . G A 1 1 ? -13.056 2.361   5.871   1.00 0.00 ? 1 G A "O3'"  1 
ATOM 7   C "C2'"  . G A 1 1 ? -11.855 3.380   7.755   1.00 0.00 ? 1 G A "C2'"  1 
ATOM 8   O "O2'"  . G A 1 1 ? -12.935 4.291   7.858   1.00 0.00 ? 1 G A "O2'"  1 
ATOM 9   C "C1'"  . G A 1 1 ? -11.532 2.813   9.140   1.00 0.00 ? 1 G A "C1'"  1 
ATOM 10  N N9     . G A 1 1 ? -10.102 2.432   9.234   1.00 0.00 ? 1 G A N9     1 
ATOM 11  C C8     . G A 1 1 ? -9.543  1.178   9.263   1.00 0.00 ? 1 G A C8     1 
ATOM 12  N N7     . G A 1 1 ? -8.246  1.173   9.399   1.00 0.00 ? 1 G A N7     1 
ATOM 13  C C5     . G A 1 1 ? -7.909  2.525   9.449   1.00 0.00 ? 1 G A C5     1 
ATOM 14  C C6     . G A 1 1 ? -6.635  3.164   9.600   1.00 0.00 ? 1 G A C6     1 
ATOM 15  O O6     . G A 1 1 ? -5.526  2.650   9.730   1.00 0.00 ? 1 G A O6     1 
ATOM 16  N N1     . G A 1 1 ? -6.725  4.551   9.606   1.00 0.00 ? 1 G A N1     1 
ATOM 17  C C2     . G A 1 1 ? -7.905  5.247   9.486   1.00 0.00 ? 1 G A C2     1 
ATOM 18  N N2     . G A 1 1 ? -7.825  6.572   9.498   1.00 0.00 ? 1 G A N2     1 
ATOM 19  N N3     . G A 1 1 ? -9.107  4.666   9.360   1.00 0.00 ? 1 G A N3     1 
ATOM 20  C C4     . G A 1 1 ? -9.043  3.302   9.346   1.00 0.00 ? 1 G A C4     1 
ATOM 21  H "H5'"  . G A 1 1 ? -13.621 -0.590  8.748   1.00 0.00 ? 1 G A "H5'"  1 
ATOM 22  H "H5''" . G A 1 1 ? -13.880 -0.274  7.024   1.00 0.00 ? 1 G A "H5''" 1 
ATOM 23  H "H4'"  . G A 1 1 ? -14.025 1.823   8.176   1.00 0.00 ? 1 G A "H4'"  1 
ATOM 24  H "H3'"  . G A 1 1 ? -11.359 1.552   6.757   1.00 0.00 ? 1 G A "H3'"  1 
ATOM 25  H "H2'"  . G A 1 1 ? -10.991 3.857   7.291   1.00 0.00 ? 1 G A "H2'"  1 
ATOM 26  H "HO2'" . G A 1 1 ? -13.337 4.352   6.985   1.00 0.00 ? 1 G A "HO2'" 1 
ATOM 27  H "H1'"  . G A 1 1 ? -11.750 3.564   9.900   1.00 0.00 ? 1 G A "H1'"  1 
ATOM 28  H H8     . G A 1 1 ? -10.126 0.271   9.193   1.00 0.00 ? 1 G A H8     1 
ATOM 29  H H1     . G A 1 1 ? -5.857  5.062   9.703   1.00 0.00 ? 1 G A H1     1 
ATOM 30  H H21    . G A 1 1 ? -6.921  7.032   9.578   1.00 0.00 ? 1 G A H21    1 
ATOM 31  H H22    . G A 1 1 ? -8.675  7.102   9.406   1.00 0.00 ? 1 G A H22    1 
ATOM 32  H "HO5'" . G A 1 1 ? -11.678 -0.476  6.674   1.00 0.00 ? 1 G A "HO5'" 1 
ATOM 33  P P      . G A 1 2 ? -12.396 2.457   4.406   1.00 0.00 ? 2 G A P      1 
ATOM 34  O OP1    . G A 1 2 ? -13.488 2.662   3.432   1.00 0.00 ? 2 G A OP1    1 
ATOM 35  O OP2    . G A 1 2 ? -11.473 1.310   4.259   1.00 0.00 ? 2 G A OP2    1 
ATOM 36  O "O5'"  . G A 1 2 ? -11.527 3.811   4.506   1.00 0.00 ? 2 G A "O5'"  1 
ATOM 37  C "C5'"  . G A 1 2 ? -12.147 5.083   4.474   1.00 0.00 ? 2 G A "C5'"  1 
ATOM 38  C "C4'"  . G A 1 2 ? -11.141 6.203   4.751   1.00 0.00 ? 2 G A "C4'"  1 
ATOM 39  O "O4'"  . G A 1 2 ? -10.451 6.011   5.979   1.00 0.00 ? 2 G A "O4'"  1 
ATOM 40  C "C3'"  . G A 1 2 ? -10.076 6.351   3.666   1.00 0.00 ? 2 G A "C3'"  1 
ATOM 41  O "O3'"  . G A 1 2 ? -10.540 7.091   2.547   1.00 0.00 ? 2 G A "O3'"  1 
ATOM 42  C "C2'"  . G A 1 2 ? -9.007  7.108   4.450   1.00 0.00 ? 2 G A "C2'"  1 
ATOM 43  O "O2'"  . G A 1 2 ? -9.317  8.487   4.549   1.00 0.00 ? 2 G A "O2'"  1 
ATOM 44  C "C1'"  . G A 1 2 ? -9.116  6.483   5.838   1.00 0.00 ? 2 G A "C1'"  1 
ATOM 45  N N9     . G A 1 2 ? -8.121  5.396   5.995   1.00 0.00 ? 2 G A N9     1 
ATOM 46  C C8     . G A 1 2 ? -8.276  4.035   5.886   1.00 0.00 ? 2 G A C8     1 
ATOM 47  N N7     . G A 1 2 ? -7.181  3.358   6.096   1.00 0.00 ? 2 G A N7     1 
ATOM 48  C C5     . G A 1 2 ? -6.215  4.334   6.340   1.00 0.00 ? 2 G A C5     1 
ATOM 49  C C6     . G A 1 2 ? -4.815  4.224   6.641   1.00 0.00 ? 2 G A C6     1 
ATOM 50  O O6     . G A 1 2 ? -4.126  3.215   6.772   1.00 0.00 ? 2 G A O6     1 
ATOM 51  N N1     . G A 1 2 ? -4.199  5.463   6.793   1.00 0.00 ? 2 G A N1     1 
ATOM 52  C C2     . G A 1 2 ? -4.852  6.668   6.690   1.00 0.00 ? 2 G A C2     1 
ATOM 53  N N2     . G A 1 2 ? -4.121  7.766   6.818   1.00 0.00 ? 2 G A N2     1 
ATOM 54  N N3     . G A 1 2 ? -6.161  6.787   6.437   1.00 0.00 ? 2 G A N3     1 
ATOM 55  C C4     . G A 1 2 ? -6.787  5.586   6.268   1.00 0.00 ? 2 G A C4     1 
ATOM 56  H "H5'"  . G A 1 2 ? -12.931 5.123   5.230   1.00 0.00 ? 2 G A "H5'"  1 
ATOM 57  H "H5''" . G A 1 2 ? -12.600 5.241   3.494   1.00 0.00 ? 2 G A "H5''" 1 
ATOM 58  H "H4'"  . G A 1 2 ? -11.686 7.147   4.813   1.00 0.00 ? 2 G A "H4'"  1 
ATOM 59  H "H3'"  . G A 1 2 ? -9.705  5.366   3.376   1.00 0.00 ? 2 G A "H3'"  1 
ATOM 60  H "H2'"  . G A 1 2 ? -8.019  6.970   4.014   1.00 0.00 ? 2 G A "H2'"  1 
ATOM 61  H "HO2'" . G A 1 2 ? -9.582  8.776   3.671   1.00 0.00 ? 2 G A "HO2'" 1 
ATOM 62  H "H1'"  . G A 1 2 ? -8.909  7.246   6.588   1.00 0.00 ? 2 G A "H1'"  1 
ATOM 63  H H8     . G A 1 2 ? -9.222  3.567   5.656   1.00 0.00 ? 2 G A H8     1 
ATOM 64  H H1     . G A 1 2 ? -3.205  5.454   6.978   1.00 0.00 ? 2 G A H1     1 
ATOM 65  H H21    . G A 1 2 ? -3.113  7.704   6.950   1.00 0.00 ? 2 G A H21    1 
ATOM 66  H H22    . G A 1 2 ? -4.584  8.656   6.744   1.00 0.00 ? 2 G A H22    1 
ATOM 67  P P      . C A 1 3 ? -9.838  6.973   1.097   1.00 0.00 ? 3 C A P      1 
ATOM 68  O OP1    . C A 1 3 ? -10.578 7.852   0.167   1.00 0.00 ? 3 C A OP1    1 
ATOM 69  O OP2    . C A 1 3 ? -9.673  5.538   0.786   1.00 0.00 ? 3 C A OP2    1 
ATOM 70  O "O5'"  . C A 1 3 ? -8.373  7.601   1.335   1.00 0.00 ? 3 C A "O5'"  1 
ATOM 71  C "C5'"  . C A 1 3 ? -8.150  8.997   1.359   1.00 0.00 ? 3 C A "C5'"  1 
ATOM 72  C "C4'"  . C A 1 3 ? -6.718  9.318   1.805   1.00 0.00 ? 3 C A "C4'"  1 
ATOM 73  O "O4'"  . C A 1 3 ? -6.393  8.699   3.046   1.00 0.00 ? 3 C A "O4'"  1 
ATOM 74  C "C3'"  . C A 1 3 ? -5.637  8.872   0.819   1.00 0.00 ? 3 C A "C3'"  1 
ATOM 75  O "O3'"  . C A 1 3 ? -5.475  9.761   -0.274  1.00 0.00 ? 3 C A "O3'"  1 
ATOM 76  C "C2'"  . C A 1 3 ? -4.424  8.890   1.747   1.00 0.00 ? 3 C A "C2'"  1 
ATOM 77  O "O2'"  . C A 1 3 ? -3.959  10.210  1.968   1.00 0.00 ? 3 C A "O2'"  1 
ATOM 78  C "C1'"  . C A 1 3 ? -5.011  8.355   3.051   1.00 0.00 ? 3 C A "C1'"  1 
ATOM 79  N N1     . C A 1 3 ? -4.761  6.886   3.153   1.00 0.00 ? 3 C A N1     1 
ATOM 80  C C2     . C A 1 3 ? -3.503  6.472   3.609   1.00 0.00 ? 3 C A C2     1 
ATOM 81  O O2     . C A 1 3 ? -2.642  7.286   3.941   1.00 0.00 ? 3 C A O2     1 
ATOM 82  N N3     . C A 1 3 ? -3.220  5.146   3.680   1.00 0.00 ? 3 C A N3     1 
ATOM 83  C C4     . C A 1 3 ? -4.122  4.239   3.303   1.00 0.00 ? 3 C A C4     1 
ATOM 84  N N4     . C A 1 3 ? -3.776  2.963   3.392   1.00 0.00 ? 3 C A N4     1 
ATOM 85  C C5     . C A 1 3 ? -5.416  4.620   2.822   1.00 0.00 ? 3 C A C5     1 
ATOM 86  C C6     . C A 1 3 ? -5.689  5.947   2.758   1.00 0.00 ? 3 C A C6     1 
ATOM 87  H "H5'"  . C A 1 3 ? -8.846  9.466   2.055   1.00 0.00 ? 3 C A "H5'"  1 
ATOM 88  H "H5''" . C A 1 3 ? -8.321  9.411   0.364   1.00 0.00 ? 3 C A "H5''" 1 
ATOM 89  H "H4'"  . C A 1 3 ? -6.633  10.397  1.929   1.00 0.00 ? 3 C A "H4'"  1 
ATOM 90  H "H3'"  . C A 1 3 ? -5.843  7.855   0.482   1.00 0.00 ? 3 C A "H3'"  1 
ATOM 91  H "H2'"  . C A 1 3 ? -3.616  8.264   1.369   1.00 0.00 ? 3 C A "H2'"  1 
ATOM 92  H "HO2'" . C A 1 3 ? -3.960  10.652  1.114   1.00 0.00 ? 3 C A "HO2'" 1 
ATOM 93  H "H1'"  . C A 1 3 ? -4.522  8.853   3.889   1.00 0.00 ? 3 C A "H1'"  1 
ATOM 94  H H41    . C A 1 3 ? -2.845  2.750   3.732   1.00 0.00 ? 3 C A H41    1 
ATOM 95  H H42    . C A 1 3 ? -4.410  2.237   3.104   1.00 0.00 ? 3 C A H42    1 
ATOM 96  H H5     . C A 1 3 ? -6.160  3.906   2.505   1.00 0.00 ? 3 C A H5     1 
ATOM 97  H H6     . C A 1 3 ? -6.649  6.262   2.381   1.00 0.00 ? 3 C A H6     1 
ATOM 98  P P      . G A 1 4 ? -4.774  9.289   -1.651  1.00 0.00 ? 4 G A P      1 
ATOM 99  O OP1    . G A 1 4 ? -4.764  10.450  -2.569  1.00 0.00 ? 4 G A OP1    1 
ATOM 100 O OP2    . G A 1 4 ? -5.402  8.021   -2.073  1.00 0.00 ? 4 G A OP2    1 
ATOM 101 O "O5'"  . G A 1 4 ? -3.252  8.970   -1.219  1.00 0.00 ? 4 G A "O5'"  1 
ATOM 102 C "C5'"  . G A 1 4 ? -2.310  10.004  -1.008  1.00 0.00 ? 4 G A "C5'"  1 
ATOM 103 C "C4'"  . G A 1 4 ? -0.996  9.449   -0.449  1.00 0.00 ? 4 G A "C4'"  1 
ATOM 104 O "O4'"  . G A 1 4 ? -1.207  8.632   0.697   1.00 0.00 ? 4 G A "O4'"  1 
ATOM 105 C "C3'"  . G A 1 4 ? -0.213  8.605   -1.452  1.00 0.00 ? 4 G A "C3'"  1 
ATOM 106 O "O3'"  . G A 1 4 ? 0.585   9.396   -2.320  1.00 0.00 ? 4 G A "O3'"  1 
ATOM 107 C "C2'"  . G A 1 4 ? 0.658   7.790   -0.501  1.00 0.00 ? 4 G A "C2'"  1 
ATOM 108 O "O2'"  . G A 1 4 ? 1.772   8.544   -0.055  1.00 0.00 ? 4 G A "O2'"  1 
ATOM 109 C "C1'"  . G A 1 4 ? -0.274  7.559   0.685   1.00 0.00 ? 4 G A "C1'"  1 
ATOM 110 N N9     . G A 1 4 ? -0.938  6.237   0.587   1.00 0.00 ? 4 G A N9     1 
ATOM 111 C C8     . G A 1 4 ? -2.238  5.925   0.278   1.00 0.00 ? 4 G A C8     1 
ATOM 112 N N7     . G A 1 4 ? -2.509  4.651   0.350   1.00 0.00 ? 4 G A N7     1 
ATOM 113 C C5     . G A 1 4 ? -1.296  4.062   0.705   1.00 0.00 ? 4 G A C5     1 
ATOM 114 C C6     . G A 1 4 ? -0.942  2.687   0.924   1.00 0.00 ? 4 G A C6     1 
ATOM 115 O O6     . G A 1 4 ? -1.652  1.686   0.874   1.00 0.00 ? 4 G A O6     1 
ATOM 116 N N1     . G A 1 4 ? 0.410   2.517   1.206   1.00 0.00 ? 4 G A N1     1 
ATOM 117 C C2     . G A 1 4 ? 1.320   3.544   1.259   1.00 0.00 ? 4 G A C2     1 
ATOM 118 N N2     . G A 1 4 ? 2.583   3.206   1.483   1.00 0.00 ? 4 G A N2     1 
ATOM 119 N N3     . G A 1 4 ? 1.003   4.833   1.086   1.00 0.00 ? 4 G A N3     1 
ATOM 120 C C4     . G A 1 4 ? -0.320  5.029   0.813   1.00 0.00 ? 4 G A C4     1 
ATOM 121 H "H5'"  . G A 1 4 ? -2.714  10.723  -0.298  1.00 0.00 ? 4 G A "H5'"  1 
ATOM 122 H "H5''" . G A 1 4 ? -2.112  10.517  -1.950  1.00 0.00 ? 4 G A "H5''" 1 
ATOM 123 H "H4'"  . G A 1 4 ? -0.364  10.288  -0.154  1.00 0.00 ? 4 G A "H4'"  1 
ATOM 124 H "H3'"  . G A 1 4 ? -0.893  7.952   -2.001  1.00 0.00 ? 4 G A "H3'"  1 
ATOM 125 H "H2'"  . G A 1 4 ? 0.986   6.858   -0.957  1.00 0.00 ? 4 G A "H2'"  1 
ATOM 126 H "HO2'" . G A 1 4 ? 2.070   9.068   -0.806  1.00 0.00 ? 4 G A "HO2'" 1 
ATOM 127 H "H1'"  . G A 1 4 ? 0.312   7.575   1.601   1.00 0.00 ? 4 G A "H1'"  1 
ATOM 128 H H8     . G A 1 4 ? -2.974  6.669   0.008   1.00 0.00 ? 4 G A H8     1 
ATOM 129 H H1     . G A 1 4 ? 0.742   1.577   1.363   1.00 0.00 ? 4 G A H1     1 
ATOM 130 H H21    . G A 1 4 ? 2.818   2.232   1.637   1.00 0.00 ? 4 G A H21    1 
ATOM 131 H H22    . G A 1 4 ? 3.274   3.936   1.533   1.00 0.00 ? 4 G A H22    1 
ATOM 132 P P      . U A 1 5 ? 1.040   8.864   -3.772  1.00 0.00 ? 5 U A P      1 
ATOM 133 O OP1    . U A 1 5 ? 1.987   9.849   -4.336  1.00 0.00 ? 5 U A OP1    1 
ATOM 134 O OP2    . U A 1 5 ? -0.179  8.498   -4.522  1.00 0.00 ? 5 U A OP2    1 
ATOM 135 O "O5'"  . U A 1 5 ? 1.847   7.504   -3.452  1.00 0.00 ? 5 U A "O5'"  1 
ATOM 136 C "C5'"  . U A 1 5 ? 3.197   7.504   -3.027  1.00 0.00 ? 5 U A "C5'"  1 
ATOM 137 C "C4'"  . U A 1 5 ? 3.684   6.074   -2.760  1.00 0.00 ? 5 U A "C4'"  1 
ATOM 138 O "O4'"  . U A 1 5 ? 2.917   5.409   -1.761  1.00 0.00 ? 5 U A "O4'"  1 
ATOM 139 C "C3'"  . U A 1 5 ? 3.637   5.183   -3.997  1.00 0.00 ? 5 U A "C3'"  1 
ATOM 140 O "O3'"  . U A 1 5 ? 4.759   5.383   -4.841  1.00 0.00 ? 5 U A "O3'"  1 
ATOM 141 C "C2'"  . U A 1 5 ? 3.585   3.791   -3.380  1.00 0.00 ? 5 U A "C2'"  1 
ATOM 142 O "O2'"  . U A 1 5 ? 4.875   3.312   -3.042  1.00 0.00 ? 5 U A "O2'"  1 
ATOM 143 C "C1'"  . U A 1 5 ? 2.800   4.026   -2.091  1.00 0.00 ? 5 U A "C1'"  1 
ATOM 144 N N1     . U A 1 5 ? 1.382   3.584   -2.238  1.00 0.00 ? 5 U A N1     1 
ATOM 145 C C2     . U A 1 5 ? 1.088   2.239   -1.983  1.00 0.00 ? 5 U A C2     1 
ATOM 146 O O2     . U A 1 5 ? 1.924   1.432   -1.579  1.00 0.00 ? 5 U A O2     1 
ATOM 147 N N3     . U A 1 5 ? -0.221  1.830   -2.197  1.00 0.00 ? 5 U A N3     1 
ATOM 148 C C4     . U A 1 5 ? -1.258  2.638   -2.633  1.00 0.00 ? 5 U A C4     1 
ATOM 149 O O4     . U A 1 5 ? -2.377  2.167   -2.800  1.00 0.00 ? 5 U A O4     1 
ATOM 150 C C5     . U A 1 5 ? -0.878  4.018   -2.864  1.00 0.00 ? 5 U A C5     1 
ATOM 151 C C6     . U A 1 5 ? 0.396   4.445   -2.673  1.00 0.00 ? 5 U A C6     1 
ATOM 152 H "H5'"  . U A 1 5 ? 3.301   8.091   -2.116  1.00 0.00 ? 5 U A "H5'"  1 
ATOM 153 H "H5''" . U A 1 5 ? 3.820   7.951   -3.804  1.00 0.00 ? 5 U A "H5''" 1 
ATOM 154 H "H4'"  . U A 1 5 ? 4.718   6.116   -2.418  1.00 0.00 ? 5 U A "H4'"  1 
ATOM 155 H "H3'"  . U A 1 5 ? 2.707   5.372   -4.536  1.00 0.00 ? 5 U A "H3'"  1 
ATOM 156 H "H2'"  . U A 1 5 ? 3.071   3.095   -4.044  1.00 0.00 ? 5 U A "H2'"  1 
ATOM 157 H "HO2'" . U A 1 5 ? 5.425   3.357   -3.833  1.00 0.00 ? 5 U A "HO2'" 1 
ATOM 158 H "H1'"  . U A 1 5 ? 3.269   3.433   -1.305  1.00 0.00 ? 5 U A "H1'"  1 
ATOM 159 H H3     . U A 1 5 ? -0.455  0.869   -2.006  1.00 0.00 ? 5 U A H3     1 
ATOM 160 H H5     . U A 1 5 ? -1.634  4.713   -3.201  1.00 0.00 ? 5 U A H5     1 
ATOM 161 H H6     . U A 1 5 ? 0.632   5.480   -2.866  1.00 0.00 ? 5 U A H6     1 
ATOM 162 P P      . G A 1 6 ? 4.806   4.810   -6.347  1.00 0.00 ? 6 G A P      1 
ATOM 163 O OP1    . G A 1 6 ? 5.630   5.723   -7.169  1.00 0.00 ? 6 G A OP1    1 
ATOM 164 O OP2    . G A 1 6 ? 3.437   4.451   -6.772  1.00 0.00 ? 6 G A OP2    1 
ATOM 165 O "O5'"  . G A 1 6 ? 5.630   3.444   -6.108  1.00 0.00 ? 6 G A "O5'"  1 
ATOM 166 C "C5'"  . G A 1 6 ? 7.032   3.460   -5.915  1.00 0.00 ? 6 G A "C5'"  1 
ATOM 167 C "C4'"  . G A 1 6 ? 7.564   2.062   -5.590  1.00 0.00 ? 6 G A "C4'"  1 
ATOM 168 O "O4'"  . G A 1 6 ? 6.957   1.534   -4.416  1.00 0.00 ? 6 G A "O4'"  1 
ATOM 169 C "C3'"  . G A 1 6 ? 7.345   1.033   -6.701  1.00 0.00 ? 6 G A "C3'"  1 
ATOM 170 O "O3'"  . G A 1 6 ? 8.345   1.090   -7.708  1.00 0.00 ? 6 G A "O3'"  1 
ATOM 171 C "C2'"  . G A 1 6 ? 7.434   -0.257  -5.890  1.00 0.00 ? 6 G A "C2'"  1 
ATOM 172 O "O2'"  . G A 1 6 ? 8.781   -0.599  -5.612  1.00 0.00 ? 6 G A "O2'"  1 
ATOM 173 C "C1'"  . G A 1 6 ? 6.754   0.137   -4.584  1.00 0.00 ? 6 G A "C1'"  1 
ATOM 174 N N9     . G A 1 6 ? 5.312   -0.202  -4.620  1.00 0.00 ? 6 G A N9     1 
ATOM 175 C C8     . G A 1 6 ? 4.222   0.612   -4.800  1.00 0.00 ? 6 G A C8     1 
ATOM 176 N N7     . G A 1 6 ? 3.073   0.003   -4.717  1.00 0.00 ? 6 G A N7     1 
ATOM 177 C C5     . G A 1 6 ? 3.419   -1.327  -4.491  1.00 0.00 ? 6 G A C5     1 
ATOM 178 C C6     . G A 1 6 ? 2.599   -2.488  -4.301  1.00 0.00 ? 6 G A C6     1 
ATOM 179 O O6     . G A 1 6 ? 1.374   -2.565  -4.265  1.00 0.00 ? 6 G A O6     1 
ATOM 180 N N1     . G A 1 6 ? 3.345   -3.650  -4.141  1.00 0.00 ? 6 G A N1     1 
ATOM 181 C C2     . G A 1 6 ? 4.719   -3.692  -4.136  1.00 0.00 ? 6 G A C2     1 
ATOM 182 N N2     . G A 1 6 ? 5.289   -4.883  -4.020  1.00 0.00 ? 6 G A N2     1 
ATOM 183 N N3     . G A 1 6 ? 5.500   -2.614  -4.279  1.00 0.00 ? 6 G A N3     1 
ATOM 184 C C4     . G A 1 6 ? 4.791   -1.462  -4.456  1.00 0.00 ? 6 G A C4     1 
ATOM 185 H "H5'"  . G A 1 6 ? 7.276   4.131   -5.090  1.00 0.00 ? 6 G A "H5'"  1 
ATOM 186 H "H5''" . G A 1 6 ? 7.517   3.825   -6.821  1.00 0.00 ? 6 G A "H5''" 1 
ATOM 187 H "H4'"  . G A 1 6 ? 8.638   2.135   -5.409  1.00 0.00 ? 6 G A "H4'"  1 
ATOM 188 H "H3'"  . G A 1 6 ? 6.343   1.148   -7.119  1.00 0.00 ? 6 G A "H3'"  1 
ATOM 189 H "H2'"  . G A 1 6 ? 6.928   -1.082  -6.388  1.00 0.00 ? 6 G A "H2'"  1 
ATOM 190 H "HO2'" . G A 1 6 ? 9.282   -0.424  -6.414  1.00 0.00 ? 6 G A "HO2'" 1 
ATOM 191 H "H1'"  . G A 1 6 ? 7.217   -0.412  -3.761  1.00 0.00 ? 6 G A "H1'"  1 
ATOM 192 H H8     . G A 1 6 ? 4.309   1.672   -4.977  1.00 0.00 ? 6 G A H8     1 
ATOM 193 H H1     . G A 1 6 ? 2.821   -4.508  -4.029  1.00 0.00 ? 6 G A H1     1 
ATOM 194 H H21    . G A 1 6 ? 4.713   -5.719  -3.967  1.00 0.00 ? 6 G A H21    1 
ATOM 195 H H22    . G A 1 6 ? 6.294   -4.935  -4.026  1.00 0.00 ? 6 G A H22    1 
ATOM 196 P P      . C A 1 7 ? 8.100   0.478   -9.184  1.00 0.00 ? 7 C A P      1 
ATOM 197 O OP1    . C A 1 7 ? 9.329   0.707   -9.975  1.00 0.00 ? 7 C A OP1    1 
ATOM 198 O OP2    . C A 1 7 ? 6.801   0.980   -9.678  1.00 0.00 ? 7 C A OP2    1 
ATOM 199 O "O5'"  . C A 1 7 ? 7.947   -1.105  -8.928  1.00 0.00 ? 7 C A "O5'"  1 
ATOM 200 C "C5'"  . C A 1 7 ? 9.066   -1.946  -8.716  1.00 0.00 ? 7 C A "C5'"  1 
ATOM 201 C "C4'"  . C A 1 7 ? 8.617   -3.378  -8.403  1.00 0.00 ? 7 C A "C4'"  1 
ATOM 202 O "O4'"  . C A 1 7 ? 7.706   -3.435  -7.310  1.00 0.00 ? 7 C A "O4'"  1 
ATOM 203 C "C3'"  . C A 1 7 ? 7.921   -4.064  -9.578  1.00 0.00 ? 7 C A "C3'"  1 
ATOM 204 O "O3'"  . C A 1 7 ? 8.843   -4.585  -10.526 1.00 0.00 ? 7 C A "O3'"  1 
ATOM 205 C "C2'"  . C A 1 7 ? 7.168   -5.167  -8.840  1.00 0.00 ? 7 C A "C2'"  1 
ATOM 206 O "O2'"  . C A 1 7 ? 8.022   -6.253  -8.533  1.00 0.00 ? 7 C A "O2'"  1 
ATOM 207 C "C1'"  . C A 1 7 ? 6.764   -4.481  -7.535  1.00 0.00 ? 7 C A "C1'"  1 
ATOM 208 N N1     . C A 1 7 ? 5.352   -3.999  -7.591  1.00 0.00 ? 7 C A N1     1 
ATOM 209 C C2     . C A 1 7 ? 4.331   -4.924  -7.331  1.00 0.00 ? 7 C A C2     1 
ATOM 210 O O2     . C A 1 7 ? 4.579   -6.111  -7.131  1.00 0.00 ? 7 C A O2     1 
ATOM 211 N N3     . C A 1 7 ? 3.037   -4.503  -7.307  1.00 0.00 ? 7 C A N3     1 
ATOM 212 C C4     . C A 1 7 ? 2.737   -3.225  -7.544  1.00 0.00 ? 7 C A C4     1 
ATOM 213 N N4     . C A 1 7 ? 1.462   -2.869  -7.474  1.00 0.00 ? 7 C A N4     1 
ATOM 214 C C5     . C A 1 7 ? 3.747   -2.260  -7.862  1.00 0.00 ? 7 C A C5     1 
ATOM 215 C C6     . C A 1 7 ? 5.035   -2.690  -7.881  1.00 0.00 ? 7 C A C6     1 
ATOM 216 H "H5'"  . C A 1 7 ? 9.657   -1.570  -7.884  1.00 0.00 ? 7 C A "H5'"  1 
ATOM 217 H "H5''" . C A 1 7 ? 9.690   -1.954  -9.611  1.00 0.00 ? 7 C A "H5''" 1 
ATOM 218 H "H4'"  . C A 1 7 ? 9.496   -3.968  -8.143  1.00 0.00 ? 7 C A "H4'"  1 
ATOM 219 H "H3'"  . C A 1 7 ? 7.216   -3.372  -10.040 1.00 0.00 ? 7 C A "H3'"  1 
ATOM 220 H "H2'"  . C A 1 7 ? 6.307   -5.514  -9.409  1.00 0.00 ? 7 C A "H2'"  1 
ATOM 221 H "HO2'" . C A 1 7 ? 8.572   -6.403  -9.308  1.00 0.00 ? 7 C A "HO2'" 1 
ATOM 222 H "H1'"  . C A 1 7 ? 6.847   -5.208  -6.725  1.00 0.00 ? 7 C A "H1'"  1 
ATOM 223 H H41    . C A 1 7 ? 0.782   -3.576  -7.212  1.00 0.00 ? 7 C A H41    1 
ATOM 224 H H42    . C A 1 7 ? 1.195   -1.904  -7.575  1.00 0.00 ? 7 C A H42    1 
ATOM 225 H H5     . C A 1 7 ? 3.528   -1.225  -8.073  1.00 0.00 ? 7 C A H5     1 
ATOM 226 H H6     . C A 1 7 ? 5.816   -1.984  -8.117  1.00 0.00 ? 7 C A H6     1 
ATOM 227 P P      . C A 1 8 ? 8.400   -4.935  -12.038 1.00 0.00 ? 8 C A P      1 
ATOM 228 O OP1    . C A 1 8 ? 9.602   -5.368  -12.783 1.00 0.00 ? 8 C A OP1    1 
ATOM 229 O OP2    . C A 1 8 ? 7.573   -3.825  -12.554 1.00 0.00 ? 8 C A OP2    1 
ATOM 230 O "O5'"  . C A 1 8 ? 7.437   -6.213  -11.857 1.00 0.00 ? 8 C A "O5'"  1 
ATOM 231 C "C5'"  . C A 1 8 ? 7.945   -7.523  -11.692 1.00 0.00 ? 8 C A "C5'"  1 
ATOM 232 C "C4'"  . C A 1 8 ? 6.787   -8.521  -11.591 1.00 0.00 ? 8 C A "C4'"  1 
ATOM 233 O "O4'"  . C A 1 8 ? 5.972   -8.269  -10.455 1.00 0.00 ? 8 C A "O4'"  1 
ATOM 234 C "C3'"  . C A 1 8 ? 5.840   -8.477  -12.791 1.00 0.00 ? 8 C A "C3'"  1 
ATOM 235 O "O3'"  . C A 1 8 ? 6.336   -9.148  -13.937 1.00 0.00 ? 8 C A "O3'"  1 
ATOM 236 C "C2'"  . C A 1 8 ? 4.609   -9.158  -12.199 1.00 0.00 ? 8 C A "C2'"  1 
ATOM 237 O "O2'"  . C A 1 8 ? 4.747   -10.567 -12.218 1.00 0.00 ? 8 C A "O2'"  1 
ATOM 238 C "C1'"  . C A 1 8 ? 4.636   -8.664  -10.749 1.00 0.00 ? 8 C A "C1'"  1 
ATOM 239 N N1     . C A 1 8 ? 3.680   -7.535  -10.551 1.00 0.00 ? 8 C A N1     1 
ATOM 240 C C2     . C A 1 8 ? 2.365   -7.838  -10.171 1.00 0.00 ? 8 C A C2     1 
ATOM 241 O O2     . C A 1 8 ? 2.003   -8.997  -9.971  1.00 0.00 ? 8 C A O2     1 
ATOM 242 N N3     . C A 1 8 ? 1.462   -6.828  -10.040 1.00 0.00 ? 8 C A N3     1 
ATOM 243 C C4     . C A 1 8 ? 1.819   -5.564  -10.269 1.00 0.00 ? 8 C A C4     1 
ATOM 244 N N4     . C A 1 8 ? 0.891   -4.629  -10.133 1.00 0.00 ? 8 C A N4     1 
ATOM 245 C C5     . C A 1 8 ? 3.147   -5.218  -10.683 1.00 0.00 ? 8 C A C5     1 
ATOM 246 C C6     . C A 1 8 ? 4.037   -6.232  -10.820 1.00 0.00 ? 8 C A C6     1 
ATOM 247 H "H5'"  . C A 1 8 ? 8.553   -7.580  -10.789 1.00 0.00 ? 8 C A "H5'"  1 
ATOM 248 H "H5''" . C A 1 8 ? 8.566   -7.784  -12.550 1.00 0.00 ? 8 C A "H5''" 1 
ATOM 249 H "H4'"  . C A 1 8 ? 7.194   -9.529  -11.504 1.00 0.00 ? 8 C A "H4'"  1 
ATOM 250 H "H3'"  . C A 1 8 ? 5.588   -7.444  -13.039 1.00 0.00 ? 8 C A "H3'"  1 
ATOM 251 H "HO3'" . C A 1 8 ? 7.051   -8.623  -14.308 1.00 0.00 ? 8 C A "HO3'" 1 
ATOM 252 H "H2'"  . C A 1 8 ? 3.700   -8.859  -12.724 1.00 0.00 ? 8 C A "H2'"  1 
ATOM 253 H "HO2'" . C A 1 8 ? 5.147   -10.797 -13.063 1.00 0.00 ? 8 C A "HO2'" 1 
ATOM 254 H "H1'"  . C A 1 8 ? 4.358   -9.491  -10.092 1.00 0.00 ? 8 C A "H1'"  1 
ATOM 255 H H41    . C A 1 8 ? -0.044  -4.917  -9.857  1.00 0.00 ? 8 C A H41    1 
ATOM 256 H H42    . C A 1 8 ? 1.120   -3.657  -10.259 1.00 0.00 ? 8 C A H42    1 
ATOM 257 H H5     . C A 1 8 ? 3.454   -4.204  -10.892 1.00 0.00 ? 8 C A H5     1 
ATOM 258 H H6     . C A 1 8 ? 5.041   -6.006  -11.146 1.00 0.00 ? 8 C A H6     1 
ATOM 259 O "O5'"  . G B 1 1 ? -8.813  -7.835  -7.818  1.00 0.00 ? 1 G B "O5'"  1 
ATOM 260 C "C5'"  . G B 1 1 ? -9.233  -9.130  -8.209  1.00 0.00 ? 1 G B "C5'"  1 
ATOM 261 C "C4'"  . G B 1 1 ? -8.056  -10.079 -8.478  1.00 0.00 ? 1 G B "C4'"  1 
ATOM 262 O "O4'"  . G B 1 1 ? -7.347  -9.748  -9.663  1.00 0.00 ? 1 G B "O4'"  1 
ATOM 263 C "C3'"  . G B 1 1 ? -7.014  -10.108 -7.362  1.00 0.00 ? 1 G B "C3'"  1 
ATOM 264 O "O3'"  . G B 1 1 ? -7.428  -10.892 -6.260  1.00 0.00 ? 1 G B "O3'"  1 
ATOM 265 C "C2'"  . G B 1 1 ? -5.821  -10.695 -8.103  1.00 0.00 ? 1 G B "C2'"  1 
ATOM 266 O "O2'"  . G B 1 1 ? -5.948  -12.095 -8.273  1.00 0.00 ? 1 G B "O2'"  1 
ATOM 267 C "C1'"  . G B 1 1 ? -5.959  -10.002 -9.461  1.00 0.00 ? 1 G B "C1'"  1 
ATOM 268 N N9     . G B 1 1 ? -5.208  -8.723  -9.480  1.00 0.00 ? 1 G B N9     1 
ATOM 269 C C8     . G B 1 1 ? -5.693  -7.437  -9.476  1.00 0.00 ? 1 G B C8     1 
ATOM 270 N N7     . G B 1 1 ? -4.772  -6.518  -9.549  1.00 0.00 ? 1 G B N7     1 
ATOM 271 C C5     . G B 1 1 ? -3.580  -7.239  -9.593  1.00 0.00 ? 1 G B C5     1 
ATOM 272 C C6     . G B 1 1 ? -2.222  -6.791  -9.685  1.00 0.00 ? 1 G B C6     1 
ATOM 273 O O6     . G B 1 1 ? -1.793  -5.642  -9.758  1.00 0.00 ? 1 G B O6     1 
ATOM 274 N N1     . G B 1 1 ? -1.308  -7.839  -9.702  1.00 0.00 ? 1 G B N1     1 
ATOM 275 C C2     . G B 1 1 ? -1.658  -9.167  -9.638  1.00 0.00 ? 1 G B C2     1 
ATOM 276 N N2     . G B 1 1 ? -0.668  -10.049 -9.651  1.00 0.00 ? 1 G B N2     1 
ATOM 277 N N3     . G B 1 1 ? -2.923  -9.604  -9.568  1.00 0.00 ? 1 G B N3     1 
ATOM 278 C C4     . G B 1 1 ? -3.840  -8.592  -9.545  1.00 0.00 ? 1 G B C4     1 
ATOM 279 H "H5'"  . G B 1 1 ? -9.840  -9.054  -9.112  1.00 0.00 ? 1 G B "H5'"  1 
ATOM 280 H "H5''" . G B 1 1 ? -9.848  -9.551  -7.413  1.00 0.00 ? 1 G B "H5''" 1 
ATOM 281 H "H4'"  . G B 1 1 ? -8.451  -11.089 -8.600  1.00 0.00 ? 1 G B "H4'"  1 
ATOM 282 H "H3'"  . G B 1 1 ? -6.772  -9.090  -7.057  1.00 0.00 ? 1 G B "H3'"  1 
ATOM 283 H "H2'"  . G B 1 1 ? -4.882  -10.450 -7.606  1.00 0.00 ? 1 G B "H2'"  1 
ATOM 284 H "HO2'" . G B 1 1 ? -6.225  -12.458 -7.426  1.00 0.00 ? 1 G B "HO2'" 1 
ATOM 285 H "H1'"  . G B 1 1 ? -5.568  -10.654 -10.243 1.00 0.00 ? 1 G B "H1'"  1 
ATOM 286 H H8     . G B 1 1 ? -6.748  -7.207  -9.428  1.00 0.00 ? 1 G B H8     1 
ATOM 287 H H1     . G B 1 1 ? -0.331  -7.587  -9.761  1.00 0.00 ? 1 G B H1     1 
ATOM 288 H H21    . G B 1 1 ? 0.299   -9.738  -9.692  1.00 0.00 ? 1 G B H21    1 
ATOM 289 H H22    . G B 1 1 ? -0.901  -11.027 -9.601  1.00 0.00 ? 1 G B H22    1 
ATOM 290 H "HO5'" . G B 1 1 ? -8.432  -7.886  -6.934  1.00 0.00 ? 1 G B "HO5'" 1 
ATOM 291 P P      . G B 1 2 ? -6.966  -10.522 -4.763  1.00 0.00 ? 2 G B P      1 
ATOM 292 O OP1    . G B 1 2 ? -7.609  -11.483 -3.842  1.00 0.00 ? 2 G B OP1    1 
ATOM 293 O OP2    . G B 1 2 ? -7.170  -9.068  -4.583  1.00 0.00 ? 2 G B OP2    1 
ATOM 294 O "O5'"  . G B 1 2 ? -5.383  -10.823 -4.808  1.00 0.00 ? 2 G B "O5'"  1 
ATOM 295 C "C5'"  . G B 1 2 ? -4.892  -12.151 -4.835  1.00 0.00 ? 2 G B "C5'"  1 
ATOM 296 C "C4'"  . G B 1 2 ? -3.379  -12.181 -5.060  1.00 0.00 ? 2 G B "C4'"  1 
ATOM 297 O "O4'"  . G B 1 2 ? -3.010  -11.485 -6.244  1.00 0.00 ? 2 G B "O4'"  1 
ATOM 298 C "C3'"  . G B 1 2 ? -2.567  -11.558 -3.927  1.00 0.00 ? 2 G B "C3'"  1 
ATOM 299 O "O3'"  . G B 1 2 ? -2.412  -12.433 -2.820  1.00 0.00 ? 2 G B "O3'"  1 
ATOM 300 C "C2'"  . G B 1 2 ? -1.249  -11.318 -4.661  1.00 0.00 ? 2 G B "C2'"  1 
ATOM 301 O "O2'"  . G B 1 2 ? -0.498  -12.512 -4.776  1.00 0.00 ? 2 G B "O2'"  1 
ATOM 302 C "C1'"  . G B 1 2 ? -1.724  -10.907 -6.053  1.00 0.00 ? 2 G B "C1'"  1 
ATOM 303 N N9     . G B 1 2 ? -1.769  -9.429  -6.166  1.00 0.00 ? 2 G B N9     1 
ATOM 304 C C8     . G B 1 2 ? -2.838  -8.572  -6.077  1.00 0.00 ? 2 G B C8     1 
ATOM 305 N N7     . G B 1 2 ? -2.525  -7.316  -6.241  1.00 0.00 ? 2 G B N7     1 
ATOM 306 C C5     . G B 1 2 ? -1.143  -7.329  -6.439  1.00 0.00 ? 2 G B C5     1 
ATOM 307 C C6     . G B 1 2 ? -0.212  -6.262  -6.684  1.00 0.00 ? 2 G B C6     1 
ATOM 308 O O6     . G B 1 2 ? -0.424  -5.056  -6.792  1.00 0.00 ? 2 G B O6     1 
ATOM 309 N N1     . G B 1 2 ? 1.098   -6.710  -6.808  1.00 0.00 ? 2 G B N1     1 
ATOM 310 C C2     . G B 1 2 ? 1.473   -8.031  -6.731  1.00 0.00 ? 2 G B C2     1 
ATOM 311 N N2     . G B 1 2 ? 2.767   -8.300  -6.833  1.00 0.00 ? 2 G B N2     1 
ATOM 312 N N3     . G B 1 2 ? 0.616   -9.038  -6.528  1.00 0.00 ? 2 G B N3     1 
ATOM 313 C C4     . G B 1 2 ? -0.676  -8.624  -6.386  1.00 0.00 ? 2 G B C4     1 
ATOM 314 H "H5'"  . G B 1 2 ? -5.375  -12.700 -5.641  1.00 0.00 ? 2 G B "H5'"  1 
ATOM 315 H "H5''" . G B 1 2 ? -5.124  -12.643 -3.889  1.00 0.00 ? 2 G B "H5''" 1 
ATOM 316 H "H4'"  . G B 1 2 ? -3.067  -13.222 -5.164  1.00 0.00 ? 2 G B "H4'"  1 
ATOM 317 H "H3'"  . G B 1 2 ? -3.016  -10.608 -3.633  1.00 0.00 ? 2 G B "H3'"  1 
ATOM 318 H "H2'"  . G B 1 2 ? -0.661  -10.539 -4.181  1.00 0.00 ? 2 G B "H2'"  1 
ATOM 319 H "HO2'" . G B 1 2 ? -0.506  -12.931 -3.910  1.00 0.00 ? 2 G B "HO2'" 1 
ATOM 320 H "H1'"  . G B 1 2 ? -1.025  -11.289 -6.798  1.00 0.00 ? 2 G B "H1'"  1 
ATOM 321 H H8     . G B 1 2 ? -3.848  -8.909  -5.895  1.00 0.00 ? 2 G B H8     1 
ATOM 322 H H1     . G B 1 2 ? 1.806   -6.004  -6.955  1.00 0.00 ? 2 G B H1     1 
ATOM 323 H H21    . G B 1 2 ? 3.444   -7.548  -6.928  1.00 0.00 ? 2 G B H21    1 
ATOM 324 H H22    . G B 1 2 ? 3.056   -9.263  -6.781  1.00 0.00 ? 2 G B H22    1 
ATOM 325 P P      . C B 1 3 ? -2.053  -11.884 -1.344  1.00 0.00 ? 3 C B P      1 
ATOM 326 O OP1    . C B 1 3 ? -1.997  -13.050 -0.434  1.00 0.00 ? 3 C B OP1    1 
ATOM 327 O OP2    . C B 1 3 ? -2.959  -10.756 -1.044  1.00 0.00 ? 3 C B OP2    1 
ATOM 328 O "O5'"  . C B 1 3 ? -0.562  -11.294 -1.506  1.00 0.00 ? 3 C B "O5'"  1 
ATOM 329 C "C5'"  . C B 1 3 ? 0.577   -12.132 -1.535  1.00 0.00 ? 3 C B "C5'"  1 
ATOM 330 C "C4'"  . C B 1 3 ? 1.829   -11.332 -1.916  1.00 0.00 ? 3 C B "C4'"  1 
ATOM 331 O "O4'"  . C B 1 3 ? 1.649   -10.625 -3.138  1.00 0.00 ? 3 C B "O4'"  1 
ATOM 332 C "C3'"  . C B 1 3 ? 2.251   -10.281 -0.890  1.00 0.00 ? 3 C B "C3'"  1 
ATOM 333 O "O3'"  . C B 1 3 ? 2.952   -10.822 0.219   1.00 0.00 ? 3 C B "O3'"  1 
ATOM 334 C "C2'"  . C B 1 3 ? 3.160   -9.425  -1.769  1.00 0.00 ? 3 C B "C2'"  1 
ATOM 335 O "O2'"  . C B 1 3 ? 4.419   -10.042 -1.969  1.00 0.00 ? 3 C B "O2'"  1 
ATOM 336 C "C1'"  . C B 1 3 ? 2.405   -9.419  -3.097  1.00 0.00 ? 3 C B "C1'"  1 
ATOM 337 N N1     . C B 1 3 ? 1.561   -8.191  -3.194  1.00 0.00 ? 3 C B N1     1 
ATOM 338 C C2     . C B 1 3 ? 2.186   -7.007  -3.603  1.00 0.00 ? 3 C B C2     1 
ATOM 339 O O2     . C B 1 3 ? 3.379   -6.980  -3.901  1.00 0.00 ? 3 C B O2     1 
ATOM 340 N N3     . C B 1 3 ? 1.463   -5.859  -3.669  1.00 0.00 ? 3 C B N3     1 
ATOM 341 C C4     . C B 1 3 ? 0.173   -5.847  -3.331  1.00 0.00 ? 3 C B C4     1 
ATOM 342 N N4     . C B 1 3 ? -0.468  -4.691  -3.412  1.00 0.00 ? 3 C B N4     1 
ATOM 343 C C5     . C B 1 3 ? -0.500  -7.036  -2.897  1.00 0.00 ? 3 C B C5     1 
ATOM 344 C C6     . C B 1 3 ? 0.230   -8.178  -2.838  1.00 0.00 ? 3 C B C6     1 
ATOM 345 H "H5'"  . C B 1 3 ? 0.431   -12.924 -2.267  1.00 0.00 ? 3 C B "H5'"  1 
ATOM 346 H "H5''" . C B 1 3 ? 0.722   -12.585 -0.553  1.00 0.00 ? 3 C B "H5''" 1 
ATOM 347 H "H4'"  . C B 1 3 ? 2.656   -12.031 -2.041  1.00 0.00 ? 3 C B "H4'"  1 
ATOM 348 H "H3'"  . C B 1 3 ? 1.379   -9.707  -0.571  1.00 0.00 ? 3 C B "H3'"  1 
ATOM 349 H "H2'"  . C B 1 3 ? 3.288   -8.422  -1.362  1.00 0.00 ? 3 C B "H2'"  1 
ATOM 350 H "HO2'" . C B 1 3 ? 4.700   -10.384 -1.115  1.00 0.00 ? 3 C B "HO2'" 1 
ATOM 351 H "H1'"  . C B 1 3 ? 3.126   -9.418  -3.915  1.00 0.00 ? 3 C B "H1'"  1 
ATOM 352 H H41    . C B 1 3 ? 0.058   -3.881  -3.718  1.00 0.00 ? 3 C B H41    1 
ATOM 353 H H42    . C B 1 3 ? -1.436  -4.622  -3.151  1.00 0.00 ? 3 C B H42    1 
ATOM 354 H H5     . C B 1 3 ? -1.542  -7.052  -2.614  1.00 0.00 ? 3 C B H5     1 
ATOM 355 H H6     . C B 1 3 ? -0.248  -9.084  -2.498  1.00 0.00 ? 3 C B H6     1 
ATOM 356 P P      . G B 1 4 ? 3.072   -10.021 1.618   1.00 0.00 ? 4 G B P      1 
ATOM 357 O OP1    . G B 1 4 ? 3.864   -10.859 2.544   1.00 0.00 ? 4 G B OP1    1 
ATOM 358 O OP2    . G B 1 4 ? 1.719   -9.572  2.005   1.00 0.00 ? 4 G B OP2    1 
ATOM 359 O "O5'"  . G B 1 4 ? 3.942   -8.712  1.248   1.00 0.00 ? 4 G B "O5'"  1 
ATOM 360 C "C5'"  . G B 1 4 ? 5.345   -8.781  1.061   1.00 0.00 ? 4 G B "C5'"  1 
ATOM 361 C "C4'"  . G B 1 4 ? 5.898   -7.446  0.554   1.00 0.00 ? 4 G B "C4'"  1 
ATOM 362 O "O4'"  . G B 1 4 ? 5.199   -6.992  -0.599  1.00 0.00 ? 4 G B "O4'"  1 
ATOM 363 C "C3'"  . G B 1 4 ? 5.822   -6.314  1.577   1.00 0.00 ? 4 G B "C3'"  1 
ATOM 364 O "O3'"  . G B 1 4 ? 6.901   -6.336  2.499   1.00 0.00 ? 4 G B "O3'"  1 
ATOM 365 C "C2'"  . G B 1 4 ? 5.926   -5.110  0.644   1.00 0.00 ? 4 G B "C2'"  1 
ATOM 366 O "O2'"  . G B 1 4 ? 7.268   -4.883  0.250   1.00 0.00 ? 4 G B "O2'"  1 
ATOM 367 C "C1'"  . G B 1 4 ? 5.134   -5.572  -0.576  1.00 0.00 ? 4 G B "C1'"  1 
ATOM 368 N N9     . G B 1 4 ? 3.735   -5.085  -0.510  1.00 0.00 ? 4 G B N9     1 
ATOM 369 C C8     . G B 1 4 ? 2.578   -5.777  -0.252  1.00 0.00 ? 4 G B C8     1 
ATOM 370 N N7     . G B 1 4 ? 1.496   -5.051  -0.336  1.00 0.00 ? 4 G B N7     1 
ATOM 371 C C5     . G B 1 4 ? 1.964   -3.775  -0.649  1.00 0.00 ? 4 G B C5     1 
ATOM 372 C C6     . G B 1 4 ? 1.264   -2.539  -0.861  1.00 0.00 ? 4 G B C6     1 
ATOM 373 O O6     . G B 1 4 ? 0.056   -2.319  -0.837  1.00 0.00 ? 4 G B O6     1 
ATOM 374 N N1     . G B 1 4 ? 2.119   -1.469  -1.100  1.00 0.00 ? 4 G B N1     1 
ATOM 375 C C2     . G B 1 4 ? 3.489   -1.569  -1.122  1.00 0.00 ? 4 G B C2     1 
ATOM 376 N N2     . G B 1 4 ? 4.161   -0.442  -1.314  1.00 0.00 ? 4 G B N2     1 
ATOM 377 N N3     . G B 1 4 ? 4.157   -2.716  -0.954  1.00 0.00 ? 4 G B N3     1 
ATOM 378 C C4     . G B 1 4 ? 3.340   -3.785  -0.721  1.00 0.00 ? 4 G B C4     1 
ATOM 379 H "H5'"  . G B 1 4 ? 5.575   -9.554  0.331   1.00 0.00 ? 4 G B "H5'"  1 
ATOM 380 H "H5''" . G B 1 4 ? 5.827   -9.036  2.006   1.00 0.00 ? 4 G B "H5''" 1 
ATOM 381 H "H4'"  . G B 1 4 ? 6.945   -7.586  0.285   1.00 0.00 ? 4 G B "H4'"  1 
ATOM 382 H "H3'"  . G B 1 4 ? 4.853   -6.328  2.079   1.00 0.00 ? 4 G B "H3'"  1 
ATOM 383 H "H2'"  . G B 1 4 ? 5.503   -4.216  1.097   1.00 0.00 ? 4 G B "H2'"  1 
ATOM 384 H "HO2'" . G B 1 4 ? 7.816   -5.060  1.022   1.00 0.00 ? 4 G B "HO2'" 1 
ATOM 385 H "H1'"  . G B 1 4 ? 5.596   -5.166  -1.474  1.00 0.00 ? 4 G B "H1'"  1 
ATOM 386 H H8     . G B 1 4 ? 2.562   -6.830  -0.008  1.00 0.00 ? 4 G B H8     1 
ATOM 387 H H1     . G B 1 4 ? 1.705   -0.561  -1.248  1.00 0.00 ? 4 G B H1     1 
ATOM 388 H H21    . G B 1 4 ? 3.653   0.422   -1.467  1.00 0.00 ? 4 G B H21    1 
ATOM 389 H H22    . G B 1 4 ? 5.167   -0.481  -1.346  1.00 0.00 ? 4 G B H22    1 
ATOM 390 P P      . U B 1 5 ? 6.776   -5.674  3.964   1.00 0.00 ? 5 U B P      1 
ATOM 391 O OP1    . U B 1 5 ? 8.111   -5.733  4.599   1.00 0.00 ? 5 U B OP1    1 
ATOM 392 O OP2    . U B 1 5 ? 5.610   -6.283  4.638   1.00 0.00 ? 5 U B OP2    1 
ATOM 393 O "O5'"  . U B 1 5 ? 6.421   -4.129  3.667   1.00 0.00 ? 5 U B "O5'"  1 
ATOM 394 C "C5'"  . U B 1 5 ? 7.401   -3.184  3.279   1.00 0.00 ? 5 U B "C5'"  1 
ATOM 395 C "C4'"  . U B 1 5 ? 6.753   -1.820  3.007   1.00 0.00 ? 5 U B "C4'"  1 
ATOM 396 O "O4'"  . U B 1 5 ? 5.766   -1.885  1.985   1.00 0.00 ? 5 U B "O4'"  1 
ATOM 397 C "C3'"  . U B 1 5 ? 6.054   -1.224  4.225   1.00 0.00 ? 5 U B "C3'"  1 
ATOM 398 O "O3'"  . U B 1 5 ? 6.968   -0.607  5.116   1.00 0.00 ? 5 U B "O3'"  1 
ATOM 399 C "C2'"  . U B 1 5 ? 5.077   -0.252  3.575   1.00 0.00 ? 5 U B "C2'"  1 
ATOM 400 O "O2'"  . U B 1 5 ? 5.692   0.985   3.257   1.00 0.00 ? 5 U B "O2'"  1 
ATOM 401 C "C1'"  . U B 1 5 ? 4.716   -0.964  2.272   1.00 0.00 ? 5 U B "C1'"  1 
ATOM 402 N N1     . U B 1 5 ? 3.385   -1.631  2.382   1.00 0.00 ? 5 U B N1     1 
ATOM 403 C C2     . U B 1 5 ? 2.245   -0.860  2.117   1.00 0.00 ? 5 U B C2     1 
ATOM 404 O O2     . U B 1 5 ? 2.297   0.310   1.742   1.00 0.00 ? 5 U B O2     1 
ATOM 405 N N3     . U B 1 5 ? 1.015   -1.481  2.284   1.00 0.00 ? 5 U B N3     1 
ATOM 406 C C4     . U B 1 5 ? 0.821   -2.796  2.676   1.00 0.00 ? 5 U B C4     1 
ATOM 407 O O4     . U B 1 5 ? -0.316  -3.237  2.802   1.00 0.00 ? 5 U B O4     1 
ATOM 408 C C5     . U B 1 5 ? 2.046   -3.533  2.911   1.00 0.00 ? 5 U B C5     1 
ATOM 409 C C6     . U B 1 5 ? 3.263   -2.950  2.768   1.00 0.00 ? 5 U B C6     1 
ATOM 410 H "H5'"  . U B 1 5 ? 7.908   -3.522  2.377   1.00 0.00 ? 5 U B "H5'"  1 
ATOM 411 H "H5''" . U B 1 5 ? 8.136   -3.076  4.077   1.00 0.00 ? 5 U B "H5''" 1 
ATOM 412 H "H4'"  . U B 1 5 ? 7.526   -1.121  2.688   1.00 0.00 ? 5 U B "H4'"  1 
ATOM 413 H "H3'"  . U B 1 5 ? 5.493   -2.012  4.731   1.00 0.00 ? 5 U B "H3'"  1 
ATOM 414 H "H2'"  . U B 1 5 ? 4.202   -0.105  4.210   1.00 0.00 ? 5 U B "H2'"  1 
ATOM 415 H "HO2'" . U B 1 5 ? 6.072   1.345   4.068   1.00 0.00 ? 5 U B "HO2'" 1 
ATOM 416 H "H1'"  . U B 1 5 ? 4.669   -0.214  1.483   1.00 0.00 ? 5 U B "H1'"  1 
ATOM 417 H H3     . U B 1 5 ? 0.184   -0.946  2.088   1.00 0.00 ? 5 U B H3     1 
ATOM 418 H H5     . U B 1 5 ? 1.977   -4.568  3.212   1.00 0.00 ? 5 U B H5     1 
ATOM 419 H H6     . U B 1 5 ? 4.148   -3.539  2.963   1.00 0.00 ? 5 U B H6     1 
ATOM 420 P P      . G B 1 6 ? 6.543   -0.169  6.609   1.00 0.00 ? 6 G B P      1 
ATOM 421 O OP1    . G B 1 6 ? 7.739   -0.251  7.477   1.00 0.00 ? 6 G B OP1    1 
ATOM 422 O OP2    . G B 1 6 ? 5.298   -0.874  6.982   1.00 0.00 ? 6 G B OP2    1 
ATOM 423 O "O5'"  . G B 1 6 ? 6.185   1.384   6.369   1.00 0.00 ? 6 G B "O5'"  1 
ATOM 424 C "C5'"  . G B 1 6 ? 7.205   2.353   6.198   1.00 0.00 ? 6 G B "C5'"  1 
ATOM 425 C "C4'"  . G B 1 6 ? 6.615   3.724   5.856   1.00 0.00 ? 6 G B "C4'"  1 
ATOM 426 O "O4'"  . G B 1 6 ? 5.843   3.667   4.662   1.00 0.00 ? 6 G B "O4'"  1 
ATOM 427 C "C3'"  . G B 1 6 ? 5.706   4.313   6.936   1.00 0.00 ? 6 G B "C3'"  1 
ATOM 428 O "O3'"  . G B 1 6 ? 6.425   4.958   7.976   1.00 0.00 ? 6 G B "O3'"  1 
ATOM 429 C "C2'"  . G B 1 6 ? 4.916   5.312   6.093   1.00 0.00 ? 6 G B "C2'"  1 
ATOM 430 O "O2'"  . G B 1 6 ? 5.677   6.476   5.827   1.00 0.00 ? 6 G B "O2'"  1 
ATOM 431 C "C1'"  . G B 1 6 ? 4.730   4.545   4.786   1.00 0.00 ? 6 G B "C1'"  1 
ATOM 432 N N9     . G B 1 6 ? 3.455   3.789   4.801   1.00 0.00 ? 6 G B N9     1 
ATOM 433 C C8     . G B 1 6 ? 3.239   2.444   4.961   1.00 0.00 ? 6 G B C8     1 
ATOM 434 N N7     . G B 1 6 ? 1.992   2.081   4.850   1.00 0.00 ? 6 G B N7     1 
ATOM 435 C C5     . G B 1 6 ? 1.319   3.279   4.620   1.00 0.00 ? 6 G B C5     1 
ATOM 436 C C6     . G B 1 6 ? -0.074  3.539   4.399   1.00 0.00 ? 6 G B C6     1 
ATOM 437 O O6     . G B 1 6 ? -1.004  2.740   4.336   1.00 0.00 ? 6 G B O6     1 
ATOM 438 N N1     . G B 1 6 ? -0.346  4.894   4.240   1.00 0.00 ? 6 G B N1     1 
ATOM 439 C C2     . G B 1 6 ? 0.610   5.881   4.263   1.00 0.00 ? 6 G B C2     1 
ATOM 440 N N2     . G B 1 6 ? 0.189   7.133   4.142   1.00 0.00 ? 6 G B N2     1 
ATOM 441 N N3     . G B 1 6 ? 1.917   5.653   4.435   1.00 0.00 ? 6 G B N3     1 
ATOM 442 C C4     . G B 1 6 ? 2.208   4.332   4.611   1.00 0.00 ? 6 G B C4     1 
ATOM 443 H "H5'"  . G B 1 6 ? 7.867   2.042   5.389   1.00 0.00 ? 6 G B "H5'"  1 
ATOM 444 H "H5''" . G B 1 6 ? 7.786   2.433   7.118   1.00 0.00 ? 6 G B "H5''" 1 
ATOM 445 H "H4'"  . G B 1 6 ? 7.438   4.421   5.692   1.00 0.00 ? 6 G B "H4'"  1 
ATOM 446 H "H3'"  . G B 1 6 ? 5.043   3.538   7.324   1.00 0.00 ? 6 G B "H3'"  1 
ATOM 447 H "H2'"  . G B 1 6 ? 3.967   5.571   6.558   1.00 0.00 ? 6 G B "H2'"  1 
ATOM 448 H "HO2'" . G B 1 6 ? 6.140   6.698   6.641   1.00 0.00 ? 6 G B "HO2'" 1 
ATOM 449 H "H1'"  . G B 1 6 ? 4.709   5.250   3.955   1.00 0.00 ? 6 G B "H1'"  1 
ATOM 450 H H8     . G B 1 6 ? 4.036   1.745   5.148   1.00 0.00 ? 6 G B H8     1 
ATOM 451 H H1     . G B 1 6 ? -1.317  5.143   4.104   1.00 0.00 ? 6 G B H1     1 
ATOM 452 H H21    . G B 1 6 ? -0.806  7.329   4.061   1.00 0.00 ? 6 G B H21    1 
ATOM 453 H H22    . G B 1 6 ? 0.873   7.872   4.161   1.00 0.00 ? 6 G B H22    1 
ATOM 454 P P      . C B 1 7 ? 5.770   5.220   9.430   1.00 0.00 ? 7 C B P      1 
ATOM 455 O OP1    . C B 1 7 ? 6.781   5.907   10.262  1.00 0.00 ? 7 C B OP1    1 
ATOM 456 O OP2    . C B 1 7 ? 5.171   3.951   9.896   1.00 0.00 ? 7 C B OP2    1 
ATOM 457 O "O5'"  . C B 1 7 ? 4.565   6.252   9.140   1.00 0.00 ? 7 C B "O5'"  1 
ATOM 458 C "C5'"  . C B 1 7 ? 4.792   7.630   8.908   1.00 0.00 ? 7 C B "C5'"  1 
ATOM 459 C "C4'"  . C B 1 7 ? 3.480   8.339   8.553   1.00 0.00 ? 7 C B "C4'"  1 
ATOM 460 O "O4'"  . C B 1 7 ? 2.819   7.724   7.452   1.00 0.00 ? 7 C B "O4'"  1 
ATOM 461 C "C3'"  . C B 1 7 ? 2.466   8.360   9.694   1.00 0.00 ? 7 C B "C3'"  1 
ATOM 462 O "O3'"  . C B 1 7 ? 2.746   9.368   10.655  1.00 0.00 ? 7 C B "O3'"  1 
ATOM 463 C "C2'"  . C B 1 7 ? 1.191   8.648   8.905   1.00 0.00 ? 7 C B "C2'"  1 
ATOM 464 O "O2'"  . C B 1 7 ? 1.103   10.019  8.563   1.00 0.00 ? 7 C B "O2'"  1 
ATOM 465 C "C1'"  . C B 1 7 ? 1.409   7.842   7.625   1.00 0.00 ? 7 C B "C1'"  1 
ATOM 466 N N1     . C B 1 7 ? 0.723   6.516   7.696   1.00 0.00 ? 7 C B N1     1 
ATOM 467 C C2     . C B 1 7 ? -0.652  6.471   7.424   1.00 0.00 ? 7 C B C2     1 
ATOM 468 O O2     . C B 1 7 ? -1.299  7.496   7.220   1.00 0.00 ? 7 C B O2     1 
ATOM 469 N N3     . C B 1 7 ? -1.287  5.267   7.386   1.00 0.00 ? 7 C B N3     1 
ATOM 470 C C4     . C B 1 7 ? -0.616  4.140   7.624   1.00 0.00 ? 7 C B C4     1 
ATOM 471 N N4     . C B 1 7 ? -1.279  2.996   7.539   1.00 0.00 ? 7 C B N4     1 
ATOM 472 C C5     . C B 1 7 ? 0.779   4.148   7.951   1.00 0.00 ? 7 C B C5     1 
ATOM 473 C C6     . C B 1 7 ? 1.404   5.351   7.981   1.00 0.00 ? 7 C B C6     1 
ATOM 474 H "H5'"  . C B 1 7 ? 5.497   7.755   8.088   1.00 0.00 ? 7 C B "H5'"  1 
ATOM 475 H "H5''" . C B 1 7 ? 5.215   8.085   9.805   1.00 0.00 ? 7 C B "H5''" 1 
ATOM 476 H "H4'"  . C B 1 7 ? 3.707   9.370   8.282   1.00 0.00 ? 7 C B "H4'"  1 
ATOM 477 H "H3'"  . C B 1 7 ? 2.410   7.371   10.153  1.00 0.00 ? 7 C B "H3'"  1 
ATOM 478 H "H2'"  . C B 1 7 ? 0.301   8.335   9.448   1.00 0.00 ? 7 C B "H2'"  1 
ATOM 479 H "HO2'" . C B 1 7 ? 1.391   10.519  9.333   1.00 0.00 ? 7 C B "HO2'" 1 
ATOM 480 H "H1'"  . C B 1 7 ? 0.992   8.402   6.785   1.00 0.00 ? 7 C B "H1'"  1 
ATOM 481 H H41    . C B 1 7 ? -2.257  3.028   7.265   1.00 0.00 ? 7 C B H41    1 
ATOM 482 H H42    . C B 1 7 ? -0.797  2.118   7.639   1.00 0.00 ? 7 C B H42    1 
ATOM 483 H H5     . C B 1 7 ? 1.342   3.250   8.159   1.00 0.00 ? 7 C B H5     1 
ATOM 484 H H6     . C B 1 7 ? 2.456   5.385   8.220   1.00 0.00 ? 7 C B H6     1 
ATOM 485 P P      . C B 1 8 ? 2.137   9.313   12.148  1.00 0.00 ? 8 C B P      1 
ATOM 486 O OP1    . C B 1 8 ? 2.673   10.463  12.908  1.00 0.00 ? 8 C B OP1    1 
ATOM 487 O OP2    . C B 1 8 ? 2.303   7.942   12.673  1.00 0.00 ? 8 C B OP2    1 
ATOM 488 O "O5'"  . C B 1 8 ? 0.562   9.558   11.924  1.00 0.00 ? 8 C B "O5'"  1 
ATOM 489 C "C5'"  . C B 1 8 ? 0.025   10.846  11.691  1.00 0.00 ? 8 C B "C5'"  1 
ATOM 490 C "C4'"  . C B 1 8 ? -1.494  10.752  11.519  1.00 0.00 ? 8 C B "C4'"  1 
ATOM 491 O "O4'"  . C B 1 8 ? -1.849  9.966   10.389  1.00 0.00 ? 8 C B "O4'"  1 
ATOM 492 C "C3'"  . C B 1 8 ? -2.206  10.101  12.706  1.00 0.00 ? 8 C B "C3'"  1 
ATOM 493 O "O3'"  . C B 1 8 ? -2.372  10.966  13.817  1.00 0.00 ? 8 C B "O3'"  1 
ATOM 494 C "C2'"  . C B 1 8 ? -3.533  9.719   12.058  1.00 0.00 ? 8 C B "C2'"  1 
ATOM 495 O "O2'"  . C B 1 8 ? -4.405  10.833  11.986  1.00 0.00 ? 8 C B "O2'"  1 
ATOM 496 C "C1'"  . C B 1 8 ? -3.095  9.325   10.643  1.00 0.00 ? 8 C B "C1'"  1 
ATOM 497 N N1     . C B 1 8 ? -2.983  7.841   10.519  1.00 0.00 ? 8 C B N1     1 
ATOM 498 C C2     . C B 1 8 ? -4.125  7.120   10.144  1.00 0.00 ? 8 C B C2     1 
ATOM 499 O O2     . C B 1 8 ? -5.193  7.683   9.911   1.00 0.00 ? 8 C B O2     1 
ATOM 500 N N3     . C B 1 8 ? -4.055  5.765   10.055  1.00 0.00 ? 8 C B N3     1 
ATOM 501 C C4     . C B 1 8 ? -2.917  5.123   10.324  1.00 0.00 ? 8 C B C4     1 
ATOM 502 N N4     . C B 1 8 ? -2.918  3.802   10.224  1.00 0.00 ? 8 C B N4     1 
ATOM 503 C C5     . C B 1 8 ? -1.736  5.823   10.737  1.00 0.00 ? 8 C B C5     1 
ATOM 504 C C6     . C B 1 8 ? -1.818  7.174   10.828  1.00 0.00 ? 8 C B C6     1 
ATOM 505 H "H5'"  . C B 1 8 ? 0.464   11.280  10.794  1.00 0.00 ? 8 C B "H5'"  1 
ATOM 506 H "H5''" . C B 1 8 ? 0.249   11.492  12.539  1.00 0.00 ? 8 C B "H5''" 1 
ATOM 507 H "H4'"  . C B 1 8 ? -1.898  11.756  11.377  1.00 0.00 ? 8 C B "H4'"  1 
ATOM 508 H "H3'"  . C B 1 8 ? -1.683  9.193   13.010  1.00 0.00 ? 8 C B "H3'"  1 
ATOM 509 H "HO3'" . C B 1 8 ? -1.512  11.096  14.228  1.00 0.00 ? 8 C B "HO3'" 1 
ATOM 510 H "H2'"  . C B 1 8 ? -4.011  8.895   12.589  1.00 0.00 ? 8 C B "H2'"  1 
ATOM 511 H "HO2'" . C B 1 8 ? -4.323  11.304  12.821  1.00 0.00 ? 8 C B "HO2'" 1 
ATOM 512 H "H1'"  . C B 1 8 ? -3.837  9.690   9.929   1.00 0.00 ? 8 C B "H1'"  1 
ATOM 513 H H41    . C B 1 8 ? -3.778  3.345   9.938   1.00 0.00 ? 8 C B H41    1 
ATOM 514 H H42    . C B 1 8 ? -2.075  3.278   10.382  1.00 0.00 ? 8 C B H42    1 
ATOM 515 H H5     . C B 1 8 ? -0.809  5.325   10.977  1.00 0.00 ? 8 C B H5     1 
ATOM 516 H H6     . C B 1 8 ? -0.950  7.729   11.152  1.00 0.00 ? 8 C B H6     1 
# 
